data_5RME
#
_entry.id   5RME
#
_cell.length_a   59.049
_cell.length_b   70.052
_cell.length_c   85.190
_cell.angle_alpha   102.840
_cell.angle_beta   95.920
_cell.angle_gamma   112.440
#
_symmetry.space_group_name_H-M   'P 1'
#
loop_
_entity.id
_entity.type
_entity.pdbx_description
1 polymer Helicase
2 non-polymer 4-(benzimidazol-1-ylmethyl)benzenecarbonitrile
3 non-polymer 'ZINC ION'
4 non-polymer 'PHOSPHATE ION'
5 water water
#
_entity_poly.entity_id   1
_entity_poly.type   'polypeptide(L)'
_entity_poly.pdbx_seq_one_letter_code
;AVGACVLCNSQTSLRCGACIRRPFLCCKCCYDHVISTSHKLVLSVNPYVCNAPGCDVTDVTQLYLGGMSYYCKSHKPPIS
FPLCANGQVFGLYKNTCVGSDNVTDFNAIATCDWTNAGDYILANTCTERLKLFAAETLKATEETFKLSYGIATVREVLSD
RELHLSWEVGKPRPPLNRNYVFTGYRVTKNSKVQIGEYTFEKGDYGDAVVYRGTTTYKLNVGDYFVLTSHTVMPLSAPTL
VPQEHYVRITGLYPTLNISDEFSSNVANYQKVGMQKYSTLQGPPGTGKSHFAIGLALYYPSARIVYTACSHAAVDALCEK
ALKYLPIDKCSRIIPARARVECFDKFKVNSTLEQYVFCTVNALPETTADIVVFDEISMATNYDLSVVNARLRAKHYVYIG
DPAQLPAPRTLLTKGTLEPEYFNSVCRLMKTIGPDMFLGTCRRCPAEIVDTVSALVYDNKLKAHKDKSAQCFKMFYKGVI
THDVSSAINRPQIGVVREFLTRNPAWRKAVFISPYNSQNAVASKILGLPTQTVDSSQGSEYDYVIFTQTTETAHSCNVNR
FNVAITRAKVGILCIMSDRDLYDKLQFTSLEIPRRNVATLQ
;
_entity_poly.pdbx_strand_id   B,A
#
# COMPACT_ATOMS: atom_id res chain seq x y z
N VAL A 2 -23.89 11.59 -4.28
CA VAL A 2 -24.63 11.07 -5.49
C VAL A 2 -23.96 9.79 -5.96
N GLY A 3 -24.70 8.85 -6.57
CA GLY A 3 -24.20 7.55 -7.06
C GLY A 3 -25.28 6.78 -7.78
N ALA A 4 -25.31 5.46 -7.62
CA ALA A 4 -26.14 4.54 -8.43
C ALA A 4 -26.89 3.53 -7.55
N CYS A 5 -28.21 3.51 -7.71
CA CYS A 5 -29.11 2.48 -7.15
C CYS A 5 -28.57 1.08 -7.52
N VAL A 6 -28.09 0.35 -6.52
CA VAL A 6 -27.62 -1.06 -6.64
C VAL A 6 -28.72 -1.96 -7.21
N LEU A 7 -29.99 -1.54 -7.24
CA LEU A 7 -31.08 -2.40 -7.76
C LEU A 7 -31.50 -1.94 -9.16
N CYS A 8 -31.53 -0.63 -9.39
CA CYS A 8 -32.05 0.05 -10.62
C CYS A 8 -30.89 0.64 -11.41
N ASN A 9 -29.82 1.00 -10.72
CA ASN A 9 -28.71 1.83 -11.28
C ASN A 9 -29.23 3.25 -11.50
N SER A 10 -30.55 3.42 -11.60
CA SER A 10 -31.23 4.74 -11.54
C SER A 10 -30.32 5.70 -10.78
N GLN A 11 -29.97 6.84 -11.37
CA GLN A 11 -29.06 7.84 -10.75
C GLN A 11 -29.70 8.33 -9.45
N THR A 12 -28.98 8.39 -8.31
CA THR A 12 -29.59 8.73 -6.99
C THR A 12 -28.64 9.53 -6.12
N SER A 13 -29.18 10.15 -5.06
CA SER A 13 -28.48 10.98 -4.05
C SER A 13 -28.70 10.42 -2.63
N LEU A 14 -29.31 9.24 -2.54
CA LEU A 14 -29.68 8.57 -1.26
C LEU A 14 -28.80 7.32 -1.10
N ARG A 15 -28.20 7.13 0.08
CA ARG A 15 -27.60 5.85 0.55
C ARG A 15 -28.25 5.49 1.88
N CYS A 16 -28.66 4.22 2.05
CA CYS A 16 -29.14 3.67 3.35
C CYS A 16 -28.04 3.81 4.39
N GLY A 17 -28.33 4.36 5.55
CA GLY A 17 -27.30 4.62 6.55
C GLY A 17 -27.28 3.51 7.58
N ALA A 18 -28.29 2.62 7.60
CA ALA A 18 -28.36 1.44 8.50
C ALA A 18 -27.61 0.24 7.89
N CYS A 19 -27.50 0.19 6.54
CA CYS A 19 -26.62 -0.74 5.77
C CYS A 19 -25.15 -0.43 6.08
N ILE A 20 -24.40 -1.46 6.45
CA ILE A 20 -22.98 -1.25 6.86
C ILE A 20 -22.21 -0.77 5.63
N ARG A 21 -22.65 -1.05 4.41
CA ARG A 21 -21.94 -0.63 3.18
C ARG A 21 -22.43 0.71 2.66
N ARG A 22 -23.61 1.18 3.13
CA ARG A 22 -24.27 2.44 2.69
C ARG A 22 -24.54 2.46 1.20
N PRO A 23 -25.23 1.46 0.64
CA PRO A 23 -25.45 1.43 -0.80
C PRO A 23 -26.29 2.65 -1.21
N PHE A 24 -25.92 3.35 -2.28
CA PHE A 24 -26.85 4.25 -3.02
C PHE A 24 -28.12 3.49 -3.34
N LEU A 25 -29.27 4.06 -2.94
CA LEU A 25 -30.64 3.56 -3.26
C LEU A 25 -31.46 4.72 -3.89
N CYS A 26 -32.08 4.45 -5.05
CA CYS A 26 -32.98 5.38 -5.80
C CYS A 26 -34.27 5.60 -5.01
N CYS A 27 -34.82 6.80 -5.09
CA CYS A 27 -36.09 7.19 -4.43
C CYS A 27 -36.98 5.97 -4.24
N LYS A 28 -37.25 5.22 -5.31
CA LYS A 28 -38.20 4.08 -5.22
C LYS A 28 -37.54 3.05 -4.29
N CYS A 29 -36.29 2.69 -4.59
CA CYS A 29 -35.62 1.49 -4.00
C CYS A 29 -35.34 1.81 -2.53
N CYS A 30 -34.88 3.03 -2.26
CA CYS A 30 -34.58 3.52 -0.88
C CYS A 30 -35.80 3.40 0.04
N TYR A 31 -36.98 3.84 -0.46
CA TYR A 31 -38.34 3.70 0.16
C TYR A 31 -38.68 2.23 0.36
N ASP A 32 -38.75 1.46 -0.73
CA ASP A 32 -39.15 0.02 -0.65
C ASP A 32 -38.27 -0.67 0.38
N HIS A 33 -36.99 -0.27 0.46
CA HIS A 33 -36.03 -0.80 1.45
C HIS A 33 -36.47 -0.42 2.87
N VAL A 34 -36.55 0.88 3.16
CA VAL A 34 -36.87 1.42 4.53
C VAL A 34 -38.21 0.88 5.07
N ILE A 35 -39.27 0.77 4.23
CA ILE A 35 -40.64 0.39 4.70
C ILE A 35 -40.74 -1.12 4.89
N SER A 36 -39.75 -1.89 4.48
CA SER A 36 -39.90 -3.37 4.39
C SER A 36 -38.83 -4.04 5.22
N THR A 37 -38.04 -3.24 5.97
CA THR A 37 -37.00 -3.66 6.95
C THR A 37 -37.04 -2.70 8.15
N SER A 38 -36.15 -2.94 9.13
CA SER A 38 -35.79 -2.02 10.24
C SER A 38 -34.82 -0.92 9.76
N HIS A 39 -34.20 -1.05 8.62
CA HIS A 39 -33.26 0.02 8.14
C HIS A 39 -34.08 1.29 7.94
N LYS A 40 -33.88 2.35 8.72
CA LYS A 40 -34.70 3.60 8.61
C LYS A 40 -33.84 4.86 8.55
N LEU A 41 -32.55 4.81 8.91
CA LEU A 41 -31.67 5.98 8.69
C LEU A 41 -31.40 6.06 7.18
N VAL A 42 -31.40 7.26 6.59
CA VAL A 42 -31.18 7.50 5.14
C VAL A 42 -30.21 8.67 5.03
N LEU A 43 -29.10 8.50 4.29
CA LEU A 43 -28.06 9.54 4.06
C LEU A 43 -28.23 10.08 2.63
N SER A 44 -28.14 11.40 2.48
CA SER A 44 -27.94 12.10 1.18
C SER A 44 -26.67 12.96 1.28
N VAL A 45 -26.55 13.97 0.43
CA VAL A 45 -25.53 15.06 0.55
C VAL A 45 -25.48 15.47 2.03
N ASN A 46 -26.52 15.14 2.80
CA ASN A 46 -26.54 15.19 4.29
C ASN A 46 -27.25 13.95 4.84
N PRO A 47 -27.29 13.76 6.19
CA PRO A 47 -28.03 12.68 6.85
C PRO A 47 -29.45 13.07 7.25
N TYR A 48 -30.46 12.37 6.73
CA TYR A 48 -31.90 12.63 6.97
C TYR A 48 -32.10 12.30 8.44
N VAL A 49 -31.68 13.22 9.30
CA VAL A 49 -31.83 13.18 10.80
C VAL A 49 -32.51 14.47 11.20
N CYS A 50 -33.08 14.59 12.41
CA CYS A 50 -33.68 15.89 12.84
C CYS A 50 -32.54 16.86 13.25
N ASN A 51 -32.37 17.96 12.52
CA ASN A 51 -31.50 19.09 12.89
C ASN A 51 -32.15 19.92 14.01
N ALA A 52 -32.91 19.32 14.92
CA ALA A 52 -33.53 20.01 16.07
C ALA A 52 -32.63 19.84 17.27
N PRO A 53 -32.40 20.88 18.09
CA PRO A 53 -31.41 20.83 19.16
C PRO A 53 -31.75 19.82 20.28
N GLY A 54 -31.03 18.70 20.30
CA GLY A 54 -31.20 17.59 21.26
C GLY A 54 -32.51 16.85 21.04
N CYS A 55 -32.87 16.54 19.78
CA CYS A 55 -33.83 15.46 19.40
C CYS A 55 -33.04 14.28 18.80
N ASP A 56 -33.62 13.07 18.87
CA ASP A 56 -32.94 11.79 18.52
C ASP A 56 -33.64 11.12 17.33
N VAL A 57 -34.41 11.86 16.53
CA VAL A 57 -35.20 11.23 15.43
C VAL A 57 -34.30 11.09 14.19
N THR A 58 -34.09 9.83 13.82
CA THR A 58 -33.28 9.34 12.67
C THR A 58 -34.15 8.50 11.72
N ASP A 59 -35.37 8.12 12.10
CA ASP A 59 -36.30 7.37 11.20
C ASP A 59 -36.76 8.33 10.09
N VAL A 60 -36.42 8.05 8.84
CA VAL A 60 -36.79 8.92 7.70
C VAL A 60 -38.32 8.93 7.51
N THR A 61 -39.04 7.92 8.00
CA THR A 61 -40.54 7.86 7.89
C THR A 61 -41.19 8.81 8.92
N GLN A 62 -40.41 9.43 9.82
CA GLN A 62 -40.91 10.31 10.90
C GLN A 62 -40.35 11.72 10.69
N LEU A 63 -39.79 12.03 9.52
CA LEU A 63 -39.04 13.29 9.30
C LEU A 63 -39.59 14.05 8.10
N TYR A 64 -39.37 15.37 8.10
CA TYR A 64 -39.91 16.36 7.15
C TYR A 64 -38.83 17.39 6.83
N LEU A 65 -38.66 17.69 5.53
CA LEU A 65 -37.88 18.83 4.99
C LEU A 65 -38.63 20.14 5.31
N GLY A 66 -38.11 20.95 6.25
CA GLY A 66 -38.72 22.22 6.69
C GLY A 66 -37.74 23.40 6.62
N GLY A 67 -37.73 24.12 5.50
CA GLY A 67 -36.62 25.00 5.08
C GLY A 67 -35.72 24.25 4.12
N MET A 68 -34.41 24.25 4.38
CA MET A 68 -33.43 23.31 3.75
C MET A 68 -32.79 22.45 4.86
N SER A 69 -33.60 22.11 5.88
CA SER A 69 -33.23 21.41 7.14
C SER A 69 -34.33 20.42 7.55
N TYR A 70 -33.94 19.24 8.01
CA TYR A 70 -34.83 18.08 8.23
C TYR A 70 -35.35 18.17 9.68
N TYR A 71 -36.64 17.87 9.90
CA TYR A 71 -37.27 17.89 11.25
C TYR A 71 -38.24 16.72 11.39
N CYS A 72 -38.32 16.16 12.61
CA CYS A 72 -39.38 15.21 12.99
C CYS A 72 -40.70 15.99 13.16
N LYS A 73 -41.78 15.28 13.51
CA LYS A 73 -43.14 15.85 13.66
C LYS A 73 -43.00 17.05 14.61
N SER A 74 -42.56 16.76 15.84
CA SER A 74 -42.48 17.64 17.04
C SER A 74 -41.74 18.97 16.81
N HIS A 75 -40.81 19.03 15.87
CA HIS A 75 -39.90 20.21 15.72
C HIS A 75 -40.13 20.89 14.37
N LYS A 76 -41.04 20.38 13.54
CA LYS A 76 -41.05 20.80 12.11
C LYS A 76 -41.58 22.22 12.04
N PRO A 77 -41.18 23.03 11.03
CA PRO A 77 -41.87 24.29 10.77
C PRO A 77 -43.33 24.07 10.36
N PRO A 78 -44.10 25.16 10.13
CA PRO A 78 -45.45 25.03 9.57
C PRO A 78 -45.37 24.51 8.13
N ILE A 79 -44.49 25.12 7.32
CA ILE A 79 -44.20 24.71 5.91
C ILE A 79 -43.08 23.66 5.96
N SER A 80 -43.46 22.39 5.76
CA SER A 80 -42.57 21.21 5.58
C SER A 80 -43.29 20.13 4.75
N PHE A 81 -42.61 19.42 3.84
CA PHE A 81 -43.16 18.18 3.24
C PHE A 81 -42.38 16.97 3.74
N PRO A 82 -43.04 15.81 3.95
CA PRO A 82 -42.35 14.64 4.51
C PRO A 82 -41.21 14.23 3.58
N LEU A 83 -40.21 13.53 4.11
CA LEU A 83 -39.03 13.07 3.32
C LEU A 83 -39.36 11.79 2.55
N CYS A 84 -40.39 11.08 3.01
CA CYS A 84 -40.62 9.65 2.74
C CYS A 84 -42.11 9.42 2.51
N ALA A 85 -42.60 9.64 1.30
CA ALA A 85 -44.03 9.54 0.96
C ALA A 85 -44.20 9.52 -0.55
N ASN A 86 -45.30 8.92 -1.05
CA ASN A 86 -45.56 8.67 -2.48
C ASN A 86 -44.65 7.55 -2.97
N GLY A 87 -44.55 6.45 -2.20
CA GLY A 87 -43.69 5.29 -2.53
C GLY A 87 -42.25 5.68 -2.88
N GLN A 88 -41.85 6.88 -2.47
CA GLN A 88 -40.51 7.43 -2.75
C GLN A 88 -39.98 8.15 -1.50
N VAL A 89 -38.64 8.19 -1.36
CA VAL A 89 -37.91 8.97 -0.32
C VAL A 89 -37.20 10.12 -1.04
N PHE A 90 -37.17 11.29 -0.41
CA PHE A 90 -36.83 12.55 -1.11
C PHE A 90 -35.31 12.73 -1.23
N GLY A 91 -34.83 12.99 -2.44
CA GLY A 91 -33.46 13.43 -2.75
C GLY A 91 -33.36 13.92 -4.18
N LEU A 92 -32.16 14.14 -4.71
CA LEU A 92 -31.98 14.55 -6.13
C LEU A 92 -32.45 13.42 -7.06
N TYR A 93 -32.67 13.76 -8.32
CA TYR A 93 -33.01 12.82 -9.42
C TYR A 93 -34.28 12.02 -9.08
N LYS A 94 -35.38 12.72 -8.78
CA LYS A 94 -36.67 12.18 -8.28
C LYS A 94 -37.55 11.70 -9.44
N ASN A 95 -37.25 12.13 -10.68
CA ASN A 95 -38.04 11.87 -11.93
C ASN A 95 -37.40 10.74 -12.75
N THR A 96 -36.10 10.46 -12.55
CA THR A 96 -35.37 9.26 -13.04
C THR A 96 -35.21 8.24 -11.89
N CYS A 97 -35.98 7.15 -11.95
CA CYS A 97 -36.17 6.19 -10.83
C CYS A 97 -37.12 5.08 -11.30
N VAL A 98 -36.61 3.87 -11.56
CA VAL A 98 -37.38 2.73 -12.15
C VAL A 98 -38.00 1.83 -11.05
N GLY A 99 -37.23 1.42 -10.02
CA GLY A 99 -37.68 0.58 -8.89
C GLY A 99 -37.31 -0.88 -9.09
N SER A 100 -38.07 -1.83 -8.51
CA SER A 100 -37.99 -3.27 -8.89
C SER A 100 -39.32 -3.98 -8.59
N ASP A 101 -39.59 -5.11 -9.24
CA ASP A 101 -40.77 -5.98 -8.96
C ASP A 101 -40.72 -6.43 -7.49
N ASN A 102 -39.57 -7.01 -7.07
CA ASN A 102 -39.19 -7.30 -5.66
C ASN A 102 -37.83 -6.65 -5.34
N VAL A 103 -37.63 -6.36 -4.06
CA VAL A 103 -36.41 -5.81 -3.40
C VAL A 103 -36.03 -6.80 -2.30
N THR A 104 -36.76 -7.92 -2.23
CA THR A 104 -36.72 -8.91 -1.15
C THR A 104 -35.29 -9.42 -0.95
N ASP A 105 -34.60 -9.75 -2.05
CA ASP A 105 -33.22 -10.32 -2.08
C ASP A 105 -32.25 -9.29 -1.54
N PHE A 106 -32.35 -8.05 -2.00
CA PHE A 106 -31.49 -6.95 -1.49
C PHE A 106 -31.68 -6.77 0.01
N ASN A 107 -32.90 -6.92 0.53
CA ASN A 107 -33.19 -6.72 1.98
C ASN A 107 -32.49 -7.83 2.76
N ALA A 108 -32.68 -9.09 2.35
CA ALA A 108 -32.03 -10.27 2.96
C ALA A 108 -30.53 -9.98 3.08
N ILE A 109 -29.95 -9.51 1.98
CA ILE A 109 -28.46 -9.35 1.93
C ILE A 109 -28.12 -8.29 2.95
N ALA A 110 -28.88 -7.20 2.98
CA ALA A 110 -28.64 -6.02 3.86
C ALA A 110 -28.79 -6.41 5.33
N THR A 111 -29.65 -7.38 5.64
CA THR A 111 -30.09 -7.65 7.03
C THR A 111 -29.52 -8.97 7.57
N CYS A 112 -28.98 -9.86 6.73
CA CYS A 112 -28.53 -11.20 7.20
C CYS A 112 -27.31 -11.04 8.11
N ASP A 113 -27.15 -11.90 9.11
CA ASP A 113 -25.92 -11.90 9.97
C ASP A 113 -24.83 -12.85 9.40
N TRP A 114 -25.08 -13.51 8.28
CA TRP A 114 -24.13 -14.40 7.55
C TRP A 114 -23.75 -15.65 8.36
N THR A 115 -24.61 -16.13 9.29
CA THR A 115 -24.32 -17.33 10.10
C THR A 115 -24.97 -18.54 9.42
N ASN A 116 -25.82 -18.32 8.41
CA ASN A 116 -26.63 -19.37 7.74
C ASN A 116 -26.13 -19.52 6.30
N ALA A 117 -25.96 -20.75 5.85
CA ALA A 117 -25.55 -21.11 4.47
C ALA A 117 -26.44 -20.38 3.46
N GLY A 118 -27.75 -20.31 3.75
CA GLY A 118 -28.78 -19.65 2.93
C GLY A 118 -28.34 -18.28 2.49
N ASP A 119 -27.51 -17.64 3.31
CA ASP A 119 -27.11 -16.24 3.09
C ASP A 119 -26.14 -16.22 1.92
N TYR A 120 -25.23 -17.20 1.89
CA TYR A 120 -24.13 -17.31 0.89
C TYR A 120 -24.71 -17.88 -0.40
N ILE A 121 -25.78 -18.67 -0.27
CA ILE A 121 -26.47 -19.25 -1.44
C ILE A 121 -27.07 -18.07 -2.22
N LEU A 122 -27.84 -17.22 -1.53
CA LEU A 122 -28.49 -16.04 -2.12
C LEU A 122 -27.42 -15.14 -2.75
N ALA A 123 -26.35 -14.91 -2.00
CA ALA A 123 -25.25 -13.99 -2.35
C ALA A 123 -24.59 -14.43 -3.66
N ASN A 124 -24.91 -15.66 -4.09
CA ASN A 124 -24.25 -16.29 -5.27
C ASN A 124 -25.31 -16.65 -6.33
N THR A 125 -26.60 -16.67 -5.98
CA THR A 125 -27.70 -16.91 -6.98
C THR A 125 -28.44 -15.61 -7.32
N CYS A 126 -28.13 -14.51 -6.66
CA CYS A 126 -28.83 -13.21 -6.89
C CYS A 126 -28.28 -12.62 -8.19
N THR A 127 -28.75 -11.43 -8.56
CA THR A 127 -28.30 -10.72 -9.79
C THR A 127 -26.88 -10.26 -9.53
N GLU A 128 -26.14 -9.84 -10.53
CA GLU A 128 -24.68 -9.67 -10.41
C GLU A 128 -24.39 -8.48 -9.49
N ARG A 129 -25.11 -7.37 -9.67
CA ARG A 129 -24.81 -6.15 -8.86
C ARG A 129 -25.06 -6.48 -7.38
N LEU A 130 -25.95 -7.39 -7.08
CA LEU A 130 -26.21 -7.87 -5.71
C LEU A 130 -25.08 -8.81 -5.24
N LYS A 131 -24.52 -9.67 -6.11
CA LYS A 131 -23.29 -10.43 -5.78
C LYS A 131 -22.22 -9.46 -5.28
N LEU A 132 -21.98 -8.34 -5.98
CA LEU A 132 -20.99 -7.32 -5.52
C LEU A 132 -21.42 -6.73 -4.14
N PHE A 133 -22.65 -6.23 -4.02
CA PHE A 133 -23.15 -5.64 -2.75
C PHE A 133 -22.95 -6.69 -1.65
N ALA A 134 -23.44 -7.92 -1.81
CA ALA A 134 -23.38 -9.00 -0.78
C ALA A 134 -21.93 -9.23 -0.36
N ALA A 135 -21.01 -9.17 -1.33
CA ALA A 135 -19.59 -9.52 -1.15
C ALA A 135 -18.93 -8.43 -0.31
N GLU A 136 -19.16 -7.16 -0.64
CA GLU A 136 -18.76 -6.05 0.26
C GLU A 136 -19.41 -6.18 1.65
N THR A 137 -20.71 -6.46 1.71
CA THR A 137 -21.51 -6.46 2.96
C THR A 137 -20.95 -7.57 3.84
N LEU A 138 -20.70 -8.74 3.24
CA LEU A 138 -20.16 -9.93 3.94
C LEU A 138 -18.76 -9.63 4.41
N LYS A 139 -17.93 -9.09 3.54
CA LYS A 139 -16.50 -8.93 3.90
C LYS A 139 -16.42 -7.91 5.05
N ALA A 140 -17.19 -6.84 4.95
CA ALA A 140 -17.21 -5.78 5.99
C ALA A 140 -17.77 -6.38 7.29
N THR A 141 -18.77 -7.28 7.24
CA THR A 141 -19.34 -7.93 8.45
C THR A 141 -18.25 -8.79 9.09
N GLU A 142 -17.47 -9.46 8.26
CA GLU A 142 -16.35 -10.32 8.70
C GLU A 142 -15.30 -9.48 9.41
N GLU A 143 -14.79 -8.41 8.79
CA GLU A 143 -13.77 -7.49 9.37
C GLU A 143 -14.26 -6.86 10.69
N THR A 144 -15.55 -6.53 10.78
CA THR A 144 -16.11 -5.86 11.99
C THR A 144 -16.19 -6.89 13.10
N PHE A 145 -16.51 -8.15 12.76
CA PHE A 145 -16.71 -9.23 13.74
C PHE A 145 -15.39 -9.50 14.48
N LYS A 146 -14.25 -9.22 13.84
CA LYS A 146 -12.90 -9.44 14.42
C LYS A 146 -12.72 -8.51 15.64
N LEU A 147 -13.12 -7.24 15.53
CA LEU A 147 -13.12 -6.22 16.64
C LEU A 147 -13.88 -6.78 17.84
N SER A 148 -14.97 -7.53 17.62
CA SER A 148 -15.79 -8.09 18.72
C SER A 148 -14.89 -8.89 19.69
N TYR A 149 -13.71 -9.35 19.23
CA TYR A 149 -12.81 -10.25 19.99
C TYR A 149 -11.96 -9.41 20.96
N GLY A 150 -11.74 -9.97 22.16
CA GLY A 150 -10.89 -9.33 23.18
C GLY A 150 -9.42 -9.33 22.80
N ILE A 151 -8.69 -8.25 23.14
CA ILE A 151 -7.22 -8.11 22.97
C ILE A 151 -6.54 -9.21 23.77
N ALA A 152 -5.52 -9.87 23.24
CA ALA A 152 -4.64 -10.75 24.05
C ALA A 152 -3.35 -9.99 24.38
N THR A 153 -2.94 -10.06 25.64
CA THR A 153 -1.74 -9.36 26.14
C THR A 153 -0.79 -10.41 26.72
N VAL A 154 0.51 -10.21 26.51
CA VAL A 154 1.61 -11.04 27.12
C VAL A 154 1.68 -10.70 28.62
N ARG A 155 1.25 -11.65 29.44
CA ARG A 155 1.31 -11.56 30.91
C ARG A 155 2.70 -12.04 31.35
N GLU A 156 3.23 -13.08 30.72
CA GLU A 156 4.51 -13.75 31.09
C GLU A 156 5.17 -14.23 29.80
N VAL A 157 6.48 -14.45 29.79
CA VAL A 157 7.15 -15.23 28.71
C VAL A 157 7.71 -16.51 29.36
N LEU A 158 7.00 -17.64 29.22
CA LEU A 158 7.34 -18.93 29.89
C LEU A 158 8.63 -19.51 29.28
N SER A 159 8.76 -19.46 27.96
CA SER A 159 9.98 -19.83 27.21
C SER A 159 10.06 -18.98 25.93
N ASP A 160 10.92 -19.38 25.00
CA ASP A 160 10.78 -19.04 23.56
C ASP A 160 9.59 -19.88 23.01
N ARG A 161 9.03 -19.48 21.87
CA ARG A 161 7.98 -20.22 21.13
C ARG A 161 6.73 -20.47 22.00
N GLU A 162 6.76 -20.23 23.33
CA GLU A 162 5.62 -20.48 24.25
C GLU A 162 5.38 -19.28 25.19
N LEU A 163 4.11 -18.86 25.32
CA LEU A 163 3.66 -17.64 26.04
C LEU A 163 2.52 -17.94 27.02
N HIS A 164 2.35 -17.04 27.99
CA HIS A 164 1.13 -16.86 28.83
C HIS A 164 0.39 -15.66 28.24
N LEU A 165 -0.94 -15.72 28.09
CA LEU A 165 -1.73 -14.56 27.63
C LEU A 165 -2.75 -14.17 28.69
N SER A 166 -2.94 -12.86 28.86
CA SER A 166 -4.06 -12.24 29.59
C SER A 166 -5.03 -11.70 28.52
N TRP A 167 -6.34 -11.84 28.75
CA TRP A 167 -7.42 -11.58 27.77
C TRP A 167 -8.42 -10.55 28.29
N GLU A 168 -8.77 -9.60 27.43
CA GLU A 168 -9.70 -8.49 27.66
C GLU A 168 -11.01 -9.05 28.22
N VAL A 169 -11.45 -8.57 29.39
CA VAL A 169 -12.71 -9.00 30.08
C VAL A 169 -13.92 -8.39 29.35
N GLY A 170 -15.05 -9.12 29.35
CA GLY A 170 -16.34 -8.70 28.76
C GLY A 170 -16.32 -8.76 27.24
N LYS A 171 -15.50 -9.65 26.66
CA LYS A 171 -15.41 -9.87 25.19
C LYS A 171 -14.92 -11.28 24.91
N PRO A 172 -15.56 -12.04 23.99
CA PRO A 172 -15.09 -13.38 23.66
C PRO A 172 -13.63 -13.37 23.18
N ARG A 173 -12.97 -14.53 23.27
CA ARG A 173 -11.61 -14.77 22.71
C ARG A 173 -11.73 -15.58 21.42
N PRO A 174 -10.95 -15.23 20.36
CA PRO A 174 -11.02 -15.96 19.10
C PRO A 174 -10.47 -17.38 19.20
N PRO A 175 -10.92 -18.33 18.35
CA PRO A 175 -10.27 -19.63 18.22
C PRO A 175 -8.78 -19.53 17.87
N LEU A 176 -7.96 -20.34 18.54
CA LEU A 176 -6.46 -20.31 18.46
C LEU A 176 -6.00 -21.35 17.43
N ASN A 177 -6.35 -21.15 16.16
CA ASN A 177 -5.86 -21.96 15.00
C ASN A 177 -5.39 -21.03 13.87
N ARG A 178 -4.80 -21.59 12.82
CA ARG A 178 -4.02 -20.83 11.79
C ARG A 178 -4.98 -19.91 11.01
N ASN A 179 -6.29 -20.22 11.01
CA ASN A 179 -7.32 -19.37 10.35
C ASN A 179 -7.35 -17.99 11.01
N TYR A 180 -7.00 -17.89 12.30
CA TYR A 180 -6.99 -16.63 13.07
C TYR A 180 -5.53 -16.13 13.18
N VAL A 181 -5.16 -15.17 12.31
CA VAL A 181 -3.81 -14.51 12.25
C VAL A 181 -3.88 -13.15 12.97
N PHE A 182 -3.11 -13.02 14.06
CA PHE A 182 -3.01 -11.85 14.97
C PHE A 182 -2.01 -10.86 14.39
N THR A 183 -2.03 -9.64 14.90
CA THR A 183 -0.85 -8.74 14.83
C THR A 183 -0.46 -8.35 16.25
N GLY A 184 0.82 -8.49 16.55
CA GLY A 184 1.40 -8.03 17.81
C GLY A 184 1.69 -6.56 17.74
N TYR A 185 2.03 -5.97 18.89
CA TYR A 185 2.21 -4.51 19.07
C TYR A 185 3.07 -4.27 20.32
N ARG A 186 4.12 -3.45 20.23
CA ARG A 186 4.94 -3.01 21.40
C ARG A 186 4.37 -1.67 21.91
N VAL A 187 4.20 -1.58 23.23
CA VAL A 187 3.67 -0.41 24.01
C VAL A 187 4.69 0.71 23.87
N THR A 188 4.32 1.89 23.38
CA THR A 188 5.26 3.02 23.11
C THR A 188 4.85 4.31 23.81
N LYS A 189 5.80 5.24 23.89
CA LYS A 189 5.66 6.60 24.48
C LYS A 189 4.18 6.98 24.51
N ASN A 190 3.58 7.21 23.34
CA ASN A 190 2.26 7.88 23.16
C ASN A 190 1.37 7.06 22.22
N SER A 191 1.87 5.95 21.64
CA SER A 191 1.10 5.06 20.73
C SER A 191 1.71 3.64 20.73
N LYS A 192 1.48 2.87 19.65
CA LYS A 192 1.86 1.44 19.46
C LYS A 192 2.49 1.30 18.07
N VAL A 193 3.44 0.37 17.87
CA VAL A 193 3.93 0.02 16.49
C VAL A 193 3.87 -1.50 16.28
N GLN A 194 3.55 -1.93 15.05
CA GLN A 194 3.40 -3.35 14.66
C GLN A 194 4.72 -4.07 14.99
N ILE A 195 4.66 -5.39 15.21
CA ILE A 195 5.84 -6.24 15.55
C ILE A 195 5.70 -7.59 14.82
N GLY A 196 5.24 -7.58 13.56
CA GLY A 196 4.98 -8.78 12.74
C GLY A 196 3.59 -9.34 13.00
N GLU A 197 3.16 -10.33 12.20
CA GLU A 197 1.89 -11.07 12.40
C GLU A 197 2.20 -12.36 13.16
N TYR A 198 1.18 -13.03 13.70
CA TYR A 198 1.34 -14.20 14.60
C TYR A 198 0.12 -15.12 14.49
N THR A 199 0.30 -16.37 14.91
CA THR A 199 -0.76 -17.39 15.14
C THR A 199 -0.41 -18.12 16.46
N PHE A 200 -1.43 -18.70 17.09
CA PHE A 200 -1.35 -19.27 18.46
C PHE A 200 -2.04 -20.64 18.46
N GLU A 201 -1.90 -21.37 19.57
CA GLU A 201 -2.35 -22.77 19.74
C GLU A 201 -2.10 -23.18 21.19
N LYS A 202 -3.08 -23.83 21.83
CA LYS A 202 -3.04 -24.20 23.27
C LYS A 202 -1.65 -24.73 23.64
N GLY A 203 -1.23 -24.50 24.90
CA GLY A 203 -0.03 -25.11 25.51
C GLY A 203 -0.33 -26.51 26.03
N ALA A 208 -1.20 -21.14 29.18
CA ALA A 208 -0.05 -21.09 28.23
C ALA A 208 -0.53 -21.34 26.80
N VAL A 209 0.24 -20.88 25.82
CA VAL A 209 -0.11 -20.95 24.36
C VAL A 209 1.17 -20.96 23.51
N VAL A 210 1.18 -21.80 22.46
CA VAL A 210 2.29 -21.93 21.47
C VAL A 210 2.04 -20.87 20.39
N TYR A 211 3.06 -20.10 20.02
CA TYR A 211 2.95 -19.00 19.03
C TYR A 211 3.93 -19.26 17.88
N ARG A 212 3.48 -19.15 16.62
CA ARG A 212 4.33 -19.28 15.40
C ARG A 212 4.28 -17.96 14.61
N GLY A 213 5.25 -17.05 14.79
CA GLY A 213 5.16 -15.65 14.34
C GLY A 213 5.84 -15.37 13.00
N THR A 214 5.44 -14.26 12.33
CA THR A 214 5.86 -13.77 10.97
C THR A 214 7.30 -13.24 10.98
N THR A 215 7.87 -13.10 12.18
CA THR A 215 9.31 -12.87 12.41
C THR A 215 9.65 -13.43 13.80
N THR A 216 10.94 -13.50 14.15
CA THR A 216 11.44 -13.80 15.52
C THR A 216 11.66 -12.49 16.27
N TYR A 217 11.60 -12.53 17.61
CA TYR A 217 11.85 -11.39 18.51
C TYR A 217 12.29 -11.90 19.87
N LYS A 218 12.51 -10.96 20.79
CA LYS A 218 12.47 -11.16 22.26
C LYS A 218 11.26 -10.35 22.72
N LEU A 219 10.05 -10.75 22.30
CA LEU A 219 8.79 -10.10 22.74
C LEU A 219 8.59 -10.38 24.25
N ASN A 220 8.35 -9.32 25.03
CA ASN A 220 8.23 -9.35 26.52
C ASN A 220 6.81 -8.97 26.91
N VAL A 221 6.48 -9.16 28.19
CA VAL A 221 5.19 -8.72 28.84
C VAL A 221 4.76 -7.35 28.28
N GLY A 222 3.45 -7.08 28.28
CA GLY A 222 2.87 -5.80 27.82
C GLY A 222 2.59 -5.79 26.33
N ASP A 223 3.36 -6.52 25.50
CA ASP A 223 3.06 -6.72 24.05
C ASP A 223 1.71 -7.45 23.93
N TYR A 224 0.85 -6.99 23.04
CA TYR A 224 -0.54 -7.49 22.92
C TYR A 224 -0.81 -7.77 21.44
N PHE A 225 -1.93 -8.41 21.14
CA PHE A 225 -2.27 -8.95 19.80
C PHE A 225 -3.74 -8.77 19.47
N VAL A 226 -4.01 -8.37 18.23
CA VAL A 226 -5.41 -8.24 17.71
C VAL A 226 -5.39 -8.80 16.29
N LEU A 227 -6.45 -9.50 15.91
CA LEU A 227 -6.70 -9.90 14.51
C LEU A 227 -6.81 -8.63 13.69
N THR A 228 -5.74 -8.21 13.00
CA THR A 228 -5.74 -6.92 12.23
C THR A 228 -6.84 -7.08 11.17
N SER A 229 -7.87 -6.22 11.25
CA SER A 229 -8.93 -6.04 10.23
C SER A 229 -8.45 -4.97 9.23
N HIS A 230 -8.92 -5.05 7.99
CA HIS A 230 -8.62 -4.02 6.96
C HIS A 230 -9.93 -3.39 6.46
N THR A 231 -9.83 -2.12 5.98
CA THR A 231 -10.87 -1.43 5.18
C THR A 231 -11.24 -2.35 4.01
N VAL A 232 -12.52 -2.55 3.81
CA VAL A 232 -13.11 -3.21 2.62
C VAL A 232 -13.48 -2.12 1.61
N MET A 233 -12.75 -1.98 0.51
CA MET A 233 -13.13 -0.96 -0.52
C MET A 233 -14.44 -1.40 -1.16
N PRO A 234 -15.18 -0.47 -1.81
CA PRO A 234 -16.39 -0.82 -2.55
C PRO A 234 -16.01 -1.53 -3.86
N LEU A 235 -16.90 -2.39 -4.33
CA LEU A 235 -16.67 -3.19 -5.55
C LEU A 235 -17.30 -2.43 -6.72
N SER A 236 -16.68 -2.47 -7.90
CA SER A 236 -17.22 -1.90 -9.17
C SER A 236 -17.44 -3.01 -10.21
N ALA A 237 -16.39 -3.75 -10.54
CA ALA A 237 -16.37 -4.79 -11.59
C ALA A 237 -17.20 -6.04 -11.20
N PRO A 238 -17.82 -6.73 -12.18
CA PRO A 238 -18.55 -7.96 -11.87
C PRO A 238 -17.61 -9.13 -11.57
N THR A 239 -18.14 -10.24 -11.08
CA THR A 239 -17.34 -11.40 -10.59
C THR A 239 -16.79 -12.18 -11.79
N LEU A 240 -17.59 -12.25 -12.86
CA LEU A 240 -17.20 -12.69 -14.22
C LEU A 240 -17.49 -11.59 -15.22
N VAL A 241 -16.62 -11.40 -16.21
CA VAL A 241 -16.89 -10.50 -17.36
C VAL A 241 -17.94 -11.25 -18.17
N PRO A 242 -18.49 -10.63 -19.25
CA PRO A 242 -19.44 -11.34 -20.11
C PRO A 242 -18.70 -12.36 -20.99
N GLN A 243 -19.10 -13.63 -20.93
CA GLN A 243 -18.45 -14.65 -21.78
C GLN A 243 -18.62 -14.24 -23.25
N GLU A 244 -17.57 -14.51 -24.02
CA GLU A 244 -17.52 -14.49 -25.51
C GLU A 244 -16.83 -15.79 -25.97
N HIS A 245 -17.40 -16.49 -26.97
CA HIS A 245 -16.78 -17.63 -27.70
C HIS A 245 -16.37 -17.19 -29.10
N TYR A 246 -15.18 -17.59 -29.52
CA TYR A 246 -14.53 -17.18 -30.79
C TYR A 246 -14.41 -18.42 -31.68
N VAL A 247 -14.11 -18.16 -32.94
CA VAL A 247 -14.18 -19.19 -34.02
C VAL A 247 -12.74 -19.52 -34.46
N ARG A 248 -11.81 -18.59 -34.16
CA ARG A 248 -10.33 -18.68 -34.18
C ARG A 248 -9.82 -18.36 -32.78
N ILE A 249 -8.59 -18.72 -32.45
CA ILE A 249 -7.82 -18.15 -31.31
C ILE A 249 -7.74 -16.65 -31.55
N THR A 250 -7.93 -15.80 -30.53
CA THR A 250 -7.89 -14.33 -30.67
C THR A 250 -6.76 -13.71 -29.84
N GLY A 251 -5.95 -12.88 -30.49
CA GLY A 251 -5.00 -11.99 -29.78
C GLY A 251 -3.77 -12.72 -29.28
N LEU A 252 -3.68 -14.03 -29.53
CA LEU A 252 -2.60 -14.91 -29.08
C LEU A 252 -1.98 -15.60 -30.30
N TYR A 253 -0.65 -15.77 -30.34
CA TYR A 253 0.11 -16.45 -31.43
C TYR A 253 0.75 -17.73 -30.87
N PRO A 254 0.22 -18.93 -31.21
CA PRO A 254 0.74 -20.19 -30.72
C PRO A 254 2.13 -20.52 -31.31
N THR A 255 2.94 -21.21 -30.52
CA THR A 255 4.31 -21.61 -30.89
C THR A 255 4.18 -22.67 -31.97
N LEU A 256 5.22 -22.82 -32.78
CA LEU A 256 5.27 -23.87 -33.82
C LEU A 256 5.89 -25.12 -33.22
N ASN A 257 6.93 -24.97 -32.39
CA ASN A 257 7.66 -26.08 -31.75
C ASN A 257 7.34 -25.97 -30.28
N ILE A 258 6.66 -26.95 -29.67
CA ILE A 258 6.43 -27.07 -28.20
C ILE A 258 7.07 -28.38 -27.68
N SER A 259 7.40 -28.43 -26.40
CA SER A 259 8.01 -29.61 -25.78
C SER A 259 6.92 -30.64 -25.46
N ASP A 260 7.25 -31.92 -25.50
CA ASP A 260 6.33 -33.05 -25.20
C ASP A 260 5.91 -33.08 -23.72
N GLU A 261 6.47 -32.21 -22.90
CA GLU A 261 6.08 -31.98 -21.48
C GLU A 261 4.69 -31.33 -21.39
N PHE A 262 4.37 -30.45 -22.34
CA PHE A 262 3.14 -29.62 -22.38
C PHE A 262 2.22 -30.04 -23.53
N SER A 263 2.64 -31.03 -24.34
CA SER A 263 1.88 -31.55 -25.51
C SER A 263 0.44 -31.97 -25.11
N SER A 264 0.23 -32.54 -23.93
CA SER A 264 -1.11 -32.99 -23.47
C SER A 264 -2.03 -31.79 -23.18
N ASN A 265 -1.53 -30.56 -23.14
CA ASN A 265 -2.40 -29.39 -22.85
C ASN A 265 -2.60 -28.51 -24.11
N VAL A 266 -2.09 -28.93 -25.26
CA VAL A 266 -2.11 -28.09 -26.50
C VAL A 266 -3.56 -27.83 -26.96
N ALA A 267 -4.43 -28.83 -26.87
CA ALA A 267 -5.86 -28.69 -27.20
C ALA A 267 -6.47 -27.63 -26.25
N ASN A 268 -6.26 -27.82 -24.94
CA ASN A 268 -6.80 -26.94 -23.87
C ASN A 268 -6.30 -25.50 -24.05
N TYR A 269 -5.01 -25.30 -24.33
CA TYR A 269 -4.39 -23.96 -24.51
C TYR A 269 -5.07 -23.24 -25.67
N GLN A 270 -5.72 -24.02 -26.53
CA GLN A 270 -6.27 -23.46 -27.79
C GLN A 270 -7.69 -23.03 -27.43
N LYS A 271 -8.35 -23.87 -26.64
CA LYS A 271 -9.64 -23.49 -26.03
C LYS A 271 -9.47 -22.10 -25.40
N VAL A 272 -8.37 -21.89 -24.71
CA VAL A 272 -8.17 -20.69 -23.85
C VAL A 272 -8.10 -19.48 -24.78
N GLY A 273 -7.71 -19.72 -26.01
CA GLY A 273 -7.52 -18.63 -27.00
C GLY A 273 -8.79 -18.32 -27.74
N MET A 274 -9.81 -19.18 -27.59
CA MET A 274 -11.09 -19.12 -28.33
C MET A 274 -12.29 -18.84 -27.40
N GLN A 275 -12.08 -18.49 -26.15
CA GLN A 275 -13.17 -17.92 -25.34
C GLN A 275 -12.55 -16.79 -24.54
N LYS A 276 -13.40 -15.93 -24.00
CA LYS A 276 -12.99 -14.77 -23.17
C LYS A 276 -12.40 -15.31 -21.87
N TYR A 277 -13.11 -16.22 -21.24
CA TYR A 277 -12.64 -16.86 -20.01
C TYR A 277 -12.96 -18.33 -20.11
N SER A 278 -12.12 -19.13 -19.47
CA SER A 278 -12.21 -20.60 -19.48
C SER A 278 -11.94 -21.08 -18.07
N THR A 279 -12.60 -22.15 -17.67
CA THR A 279 -12.48 -22.75 -16.32
C THR A 279 -11.71 -24.08 -16.49
N LEU A 280 -10.64 -24.27 -15.71
CA LEU A 280 -9.85 -25.54 -15.65
C LEU A 280 -9.99 -26.15 -14.25
N GLN A 281 -10.70 -27.26 -14.12
CA GLN A 281 -10.73 -28.10 -12.88
C GLN A 281 -9.49 -28.98 -12.89
N GLY A 282 -8.64 -28.79 -11.90
CA GLY A 282 -7.41 -29.57 -11.71
C GLY A 282 -7.49 -30.34 -10.40
N PRO A 283 -7.94 -31.61 -10.45
CA PRO A 283 -7.88 -32.48 -9.27
C PRO A 283 -6.48 -32.54 -8.70
N PRO A 284 -6.32 -33.14 -7.50
CA PRO A 284 -5.00 -33.28 -6.87
C PRO A 284 -3.98 -33.95 -7.80
N GLY A 285 -2.81 -33.30 -7.95
CA GLY A 285 -1.62 -33.83 -8.65
C GLY A 285 -1.87 -34.08 -10.12
N THR A 286 -2.70 -33.24 -10.73
CA THR A 286 -3.08 -33.37 -12.16
C THR A 286 -2.29 -32.34 -12.99
N GLY A 287 -1.51 -31.43 -12.40
CA GLY A 287 -0.60 -30.54 -13.16
C GLY A 287 -1.18 -29.16 -13.44
N LYS A 288 -1.82 -28.56 -12.45
CA LYS A 288 -2.42 -27.23 -12.62
C LYS A 288 -1.34 -26.20 -12.91
N SER A 289 -0.26 -26.17 -12.11
CA SER A 289 0.79 -25.13 -12.26
C SER A 289 1.56 -25.43 -13.55
N HIS A 290 1.76 -26.72 -13.81
CA HIS A 290 2.42 -27.16 -15.05
C HIS A 290 1.63 -26.55 -16.22
N PHE A 291 0.30 -26.80 -16.26
CA PHE A 291 -0.67 -26.19 -17.22
C PHE A 291 -0.52 -24.67 -17.30
N ALA A 292 -0.55 -24.00 -16.16
CA ALA A 292 -0.47 -22.53 -16.03
C ALA A 292 0.82 -22.01 -16.65
N ILE A 293 1.97 -22.65 -16.39
CA ILE A 293 3.30 -22.16 -16.92
C ILE A 293 3.38 -22.55 -18.41
N GLY A 294 2.92 -23.75 -18.77
CA GLY A 294 2.94 -24.23 -20.16
C GLY A 294 2.33 -23.23 -21.13
N LEU A 295 1.13 -22.77 -20.78
CA LEU A 295 0.40 -21.71 -21.52
C LEU A 295 1.36 -20.59 -21.99
N ALA A 296 2.31 -20.16 -21.16
CA ALA A 296 3.31 -19.13 -21.54
C ALA A 296 4.06 -19.61 -22.78
N LEU A 297 4.61 -20.81 -22.65
CA LEU A 297 5.45 -21.43 -23.70
C LEU A 297 4.61 -21.66 -24.96
N TYR A 298 3.32 -21.94 -24.76
CA TYR A 298 2.40 -22.14 -25.90
C TYR A 298 2.13 -20.79 -26.58
N TYR A 299 2.06 -19.68 -25.82
CA TYR A 299 1.85 -18.30 -26.35
C TYR A 299 3.02 -17.39 -26.01
N PRO A 300 4.25 -17.64 -26.55
CA PRO A 300 5.48 -17.04 -26.03
C PRO A 300 5.46 -15.51 -25.90
N SER A 301 4.80 -14.82 -26.82
CA SER A 301 4.81 -13.34 -26.92
C SER A 301 3.73 -12.75 -26.00
N ALA A 302 2.86 -13.58 -25.43
CA ALA A 302 1.70 -13.17 -24.62
C ALA A 302 2.17 -12.63 -23.26
N ARG A 303 1.65 -11.48 -22.83
CA ARG A 303 1.87 -10.96 -21.47
C ARG A 303 0.86 -11.68 -20.57
N ILE A 304 1.34 -12.32 -19.51
CA ILE A 304 0.51 -13.14 -18.60
C ILE A 304 0.75 -12.66 -17.19
N VAL A 305 -0.34 -12.31 -16.51
CA VAL A 305 -0.41 -11.97 -15.08
C VAL A 305 -0.93 -13.21 -14.37
N TYR A 306 -0.11 -13.83 -13.54
CA TYR A 306 -0.50 -14.96 -12.68
C TYR A 306 -0.98 -14.35 -11.37
N THR A 307 -2.15 -14.75 -10.93
CA THR A 307 -2.71 -14.27 -9.66
C THR A 307 -3.29 -15.46 -8.93
N ALA A 308 -3.34 -15.35 -7.60
CA ALA A 308 -4.09 -16.19 -6.64
C ALA A 308 -4.36 -15.33 -5.41
N CYS A 309 -5.16 -15.86 -4.48
CA CYS A 309 -5.49 -15.15 -3.23
C CYS A 309 -4.25 -15.15 -2.36
N SER A 310 -3.63 -16.31 -2.14
CA SER A 310 -2.54 -16.50 -1.13
C SER A 310 -1.17 -16.18 -1.75
N HIS A 311 -0.28 -15.57 -0.97
CA HIS A 311 1.17 -15.56 -1.27
C HIS A 311 1.69 -16.99 -1.59
N ALA A 312 1.31 -18.03 -0.83
CA ALA A 312 1.79 -19.40 -1.10
C ALA A 312 1.43 -19.73 -2.56
N ALA A 313 0.16 -19.54 -2.94
CA ALA A 313 -0.34 -20.00 -4.25
C ALA A 313 0.40 -19.21 -5.33
N VAL A 314 0.67 -17.93 -5.10
CA VAL A 314 1.43 -17.15 -6.12
C VAL A 314 2.86 -17.69 -6.20
N ASP A 315 3.44 -18.05 -5.05
CA ASP A 315 4.88 -18.39 -4.93
C ASP A 315 5.12 -19.73 -5.67
N ALA A 316 4.18 -20.68 -5.52
CA ALA A 316 4.19 -21.98 -6.25
C ALA A 316 4.17 -21.72 -7.76
N LEU A 317 3.30 -20.83 -8.25
CA LEU A 317 3.35 -20.41 -9.68
C LEU A 317 4.78 -19.93 -10.00
N CYS A 318 5.39 -19.06 -9.19
CA CYS A 318 6.77 -18.54 -9.41
C CYS A 318 7.78 -19.71 -9.41
N GLU A 319 7.66 -20.65 -8.48
CA GLU A 319 8.63 -21.75 -8.38
C GLU A 319 8.59 -22.46 -9.73
N LYS A 320 7.40 -22.89 -10.14
CA LYS A 320 7.21 -23.52 -11.46
C LYS A 320 7.78 -22.60 -12.56
N ALA A 321 7.48 -21.31 -12.55
CA ALA A 321 7.90 -20.39 -13.63
C ALA A 321 9.40 -20.49 -13.81
N LEU A 322 10.08 -20.55 -12.67
CA LEU A 322 11.55 -20.39 -12.52
C LEU A 322 12.25 -21.59 -13.17
N LYS A 323 11.52 -22.68 -13.33
CA LYS A 323 11.99 -23.91 -14.00
C LYS A 323 11.74 -23.90 -15.52
N TYR A 324 11.08 -22.89 -16.12
CA TYR A 324 10.70 -22.94 -17.56
C TYR A 324 10.73 -21.59 -18.28
N LEU A 325 10.56 -20.44 -17.60
CA LEU A 325 10.43 -19.11 -18.23
C LEU A 325 11.68 -18.28 -17.96
N PRO A 326 12.12 -17.46 -18.93
CA PRO A 326 13.26 -16.57 -18.73
C PRO A 326 13.01 -15.74 -17.48
N ILE A 327 13.92 -15.82 -16.48
CA ILE A 327 13.84 -15.13 -15.14
C ILE A 327 13.73 -13.62 -15.36
N ASP A 328 14.51 -13.08 -16.31
CA ASP A 328 14.58 -11.64 -16.66
C ASP A 328 13.21 -11.13 -17.13
N LYS A 329 12.28 -12.03 -17.47
CA LYS A 329 10.94 -11.71 -18.06
C LYS A 329 9.85 -11.90 -17.03
N CYS A 330 10.20 -12.27 -15.80
CA CYS A 330 9.28 -12.45 -14.64
C CYS A 330 9.48 -11.32 -13.62
N SER A 331 8.41 -10.90 -12.94
CA SER A 331 8.47 -10.03 -11.73
C SER A 331 7.49 -10.55 -10.66
N ARG A 332 7.88 -10.52 -9.39
CA ARG A 332 6.93 -10.78 -8.29
C ARG A 332 6.49 -9.43 -7.74
N ILE A 333 5.16 -9.16 -7.70
CA ILE A 333 4.56 -7.93 -7.08
C ILE A 333 4.35 -8.15 -5.56
N ILE A 334 4.92 -7.25 -4.75
CA ILE A 334 4.83 -7.28 -3.27
C ILE A 334 4.47 -5.88 -2.79
N PRO A 335 3.42 -5.73 -1.94
CA PRO A 335 3.09 -4.44 -1.34
C PRO A 335 4.10 -4.14 -0.21
N ALA A 336 4.53 -2.88 -0.11
CA ALA A 336 5.36 -2.35 1.00
C ALA A 336 4.70 -2.70 2.34
N VAL A 340 5.31 -10.29 5.26
CA VAL A 340 5.37 -11.78 5.09
C VAL A 340 6.34 -12.13 3.93
N GLU A 341 7.23 -13.09 4.18
CA GLU A 341 8.38 -13.41 3.30
C GLU A 341 7.89 -14.29 2.17
N CYS A 342 7.94 -13.79 0.94
CA CYS A 342 7.47 -14.48 -0.28
C CYS A 342 8.59 -14.54 -1.32
N PHE A 343 8.55 -15.54 -2.19
CA PHE A 343 9.39 -15.65 -3.42
C PHE A 343 10.18 -14.36 -3.70
N ASP A 344 11.52 -14.48 -3.82
CA ASP A 344 12.45 -13.33 -3.98
C ASP A 344 13.55 -13.63 -5.02
N LYS A 345 13.22 -14.30 -6.13
CA LYS A 345 14.17 -14.60 -7.24
C LYS A 345 13.85 -13.83 -8.54
N PHE A 346 12.70 -13.17 -8.62
CA PHE A 346 12.38 -12.25 -9.74
C PHE A 346 12.63 -10.84 -9.26
N LYS A 347 12.93 -9.89 -10.14
CA LYS A 347 12.85 -8.44 -9.82
C LYS A 347 11.48 -8.18 -9.17
N VAL A 348 11.43 -7.26 -8.19
CA VAL A 348 10.25 -7.03 -7.30
C VAL A 348 9.51 -5.78 -7.80
N ASN A 349 8.18 -5.89 -7.96
CA ASN A 349 7.23 -4.75 -8.22
C ASN A 349 7.56 -4.11 -9.56
N SER A 350 7.76 -4.92 -10.60
CA SER A 350 7.96 -4.42 -11.98
C SER A 350 6.75 -4.82 -12.82
N THR A 351 5.76 -3.93 -12.89
CA THR A 351 4.41 -4.16 -13.45
C THR A 351 4.47 -4.34 -14.97
N LEU A 352 5.43 -3.71 -15.66
CA LEU A 352 5.51 -3.77 -17.14
C LEU A 352 6.26 -5.04 -17.59
N GLU A 353 6.71 -5.88 -16.67
CA GLU A 353 7.40 -7.17 -16.96
C GLU A 353 6.43 -8.11 -17.68
N GLN A 354 6.91 -9.01 -18.53
CA GLN A 354 6.04 -9.85 -19.41
C GLN A 354 5.31 -10.90 -18.57
N TYR A 355 5.91 -11.40 -17.49
CA TYR A 355 5.24 -12.38 -16.60
C TYR A 355 5.15 -11.78 -15.20
N VAL A 356 3.93 -11.51 -14.76
CA VAL A 356 3.68 -10.77 -13.49
C VAL A 356 2.96 -11.71 -12.53
N PHE A 357 3.57 -11.97 -11.38
CA PHE A 357 3.05 -12.88 -10.34
C PHE A 357 2.74 -12.02 -9.13
N CYS A 358 1.57 -12.14 -8.55
CA CYS A 358 1.04 -11.08 -7.68
C CYS A 358 -0.26 -11.55 -7.03
N THR A 359 -0.43 -11.37 -5.72
CA THR A 359 -1.71 -11.74 -5.05
C THR A 359 -2.77 -10.82 -5.67
N VAL A 360 -4.04 -11.24 -5.60
CA VAL A 360 -5.22 -10.42 -5.99
C VAL A 360 -5.12 -9.03 -5.32
N ASN A 361 -5.11 -9.01 -3.98
CA ASN A 361 -5.32 -7.77 -3.20
C ASN A 361 -4.14 -6.82 -3.46
N ALA A 362 -3.02 -7.27 -4.01
CA ALA A 362 -1.87 -6.39 -4.35
C ALA A 362 -1.77 -6.09 -5.86
N LEU A 363 -2.77 -6.44 -6.66
CA LEU A 363 -2.69 -6.33 -8.15
C LEU A 363 -2.64 -4.86 -8.54
N PRO A 364 -1.72 -4.44 -9.41
CA PRO A 364 -1.82 -3.13 -10.02
C PRO A 364 -2.95 -3.06 -11.07
N GLU A 365 -3.39 -1.87 -11.35
CA GLU A 365 -4.23 -1.60 -12.54
C GLU A 365 -3.30 -1.80 -13.73
N THR A 366 -3.67 -2.68 -14.66
CA THR A 366 -2.87 -3.04 -15.85
C THR A 366 -3.69 -3.95 -16.77
N THR A 367 -3.27 -4.05 -18.03
CA THR A 367 -3.83 -4.95 -19.08
C THR A 367 -2.90 -6.16 -19.26
N ALA A 368 -3.35 -7.19 -19.96
CA ALA A 368 -2.52 -8.38 -20.25
C ALA A 368 -3.15 -9.18 -21.39
N ASP A 369 -2.34 -9.98 -22.09
CA ASP A 369 -2.80 -10.95 -23.10
C ASP A 369 -3.58 -12.06 -22.37
N ILE A 370 -3.04 -12.65 -21.31
CA ILE A 370 -3.81 -13.62 -20.49
C ILE A 370 -3.72 -13.30 -18.99
N VAL A 371 -4.79 -13.58 -18.26
CA VAL A 371 -4.81 -13.61 -16.78
C VAL A 371 -5.14 -15.05 -16.35
N VAL A 372 -4.24 -15.62 -15.54
CA VAL A 372 -4.40 -16.95 -14.89
C VAL A 372 -4.62 -16.67 -13.42
N PHE A 373 -5.80 -16.99 -12.94
CA PHE A 373 -6.20 -16.88 -11.54
C PHE A 373 -6.17 -18.31 -11.05
N ASP A 374 -5.28 -18.66 -10.12
CA ASP A 374 -5.11 -20.06 -9.66
C ASP A 374 -5.84 -20.26 -8.33
N GLU A 375 -5.84 -21.50 -7.86
CA GLU A 375 -6.49 -21.99 -6.64
C GLU A 375 -7.83 -21.25 -6.48
N ILE A 376 -8.80 -21.55 -7.35
CA ILE A 376 -10.07 -20.77 -7.49
C ILE A 376 -11.13 -21.21 -6.48
N SER A 377 -11.16 -22.45 -5.98
CA SER A 377 -12.03 -22.86 -4.82
C SER A 377 -11.89 -21.88 -3.65
N MET A 378 -10.71 -21.26 -3.51
CA MET A 378 -10.34 -20.43 -2.34
C MET A 378 -10.74 -18.97 -2.56
N ALA A 379 -11.01 -18.53 -3.81
CA ALA A 379 -11.48 -17.15 -4.12
C ALA A 379 -12.90 -16.96 -3.61
N THR A 380 -13.19 -15.74 -3.13
CA THR A 380 -14.55 -15.18 -2.86
C THR A 380 -14.98 -14.35 -4.09
N ASN A 381 -16.27 -14.06 -4.19
CA ASN A 381 -16.81 -13.12 -5.20
C ASN A 381 -16.11 -11.77 -5.02
N TYR A 382 -15.69 -11.45 -3.81
CA TYR A 382 -14.91 -10.22 -3.56
C TYR A 382 -13.63 -10.26 -4.42
N ASP A 383 -12.84 -11.31 -4.30
CA ASP A 383 -11.55 -11.44 -5.04
C ASP A 383 -11.83 -11.45 -6.55
N LEU A 384 -12.87 -12.17 -6.96
CA LEU A 384 -13.30 -12.22 -8.38
C LEU A 384 -13.49 -10.79 -8.89
N SER A 385 -14.33 -9.98 -8.23
CA SER A 385 -14.61 -8.61 -8.72
C SER A 385 -13.32 -7.80 -8.74
N VAL A 386 -12.45 -7.96 -7.73
CA VAL A 386 -11.21 -7.15 -7.67
C VAL A 386 -10.38 -7.38 -8.95
N VAL A 387 -10.29 -8.64 -9.42
CA VAL A 387 -9.37 -8.96 -10.54
C VAL A 387 -9.89 -8.30 -11.81
N ASN A 388 -11.22 -8.35 -11.99
CA ASN A 388 -11.88 -7.83 -13.22
C ASN A 388 -11.73 -6.30 -13.20
N ALA A 389 -11.72 -5.69 -12.00
CA ALA A 389 -11.47 -4.25 -11.75
C ALA A 389 -10.02 -3.89 -12.05
N ARG A 390 -9.05 -4.67 -11.57
CA ARG A 390 -7.61 -4.32 -11.68
C ARG A 390 -7.10 -4.71 -13.07
N LEU A 391 -7.52 -5.87 -13.61
CA LEU A 391 -6.96 -6.51 -14.83
C LEU A 391 -7.97 -6.50 -15.99
N ARG A 392 -7.63 -5.83 -17.09
CA ARG A 392 -8.35 -5.93 -18.39
C ARG A 392 -7.48 -6.80 -19.28
N ALA A 393 -7.97 -7.99 -19.61
CA ALA A 393 -7.25 -9.03 -20.35
C ALA A 393 -8.05 -9.46 -21.57
N LYS A 394 -7.36 -9.92 -22.62
CA LYS A 394 -7.98 -10.62 -23.77
C LYS A 394 -8.51 -11.98 -23.30
N HIS A 395 -7.85 -12.66 -22.36
CA HIS A 395 -8.38 -13.97 -21.88
C HIS A 395 -8.12 -14.15 -20.41
N TYR A 396 -9.04 -14.82 -19.74
CA TYR A 396 -8.98 -15.07 -18.28
C TYR A 396 -9.08 -16.57 -18.12
N VAL A 397 -8.18 -17.15 -17.34
CA VAL A 397 -8.26 -18.60 -17.10
C VAL A 397 -8.38 -18.83 -15.61
N TYR A 398 -9.38 -19.58 -15.20
CA TYR A 398 -9.67 -19.81 -13.76
C TYR A 398 -9.29 -21.25 -13.48
N ILE A 399 -8.20 -21.47 -12.74
CA ILE A 399 -7.65 -22.82 -12.43
C ILE A 399 -7.90 -23.10 -10.95
N GLY A 400 -8.50 -24.24 -10.67
CA GLY A 400 -8.72 -24.67 -9.28
C GLY A 400 -9.45 -26.00 -9.30
N ASP A 401 -10.10 -26.37 -8.19
CA ASP A 401 -10.88 -27.63 -8.10
C ASP A 401 -11.99 -27.46 -7.07
N PRO A 402 -13.26 -27.29 -7.52
CA PRO A 402 -14.39 -27.08 -6.62
C PRO A 402 -14.68 -28.31 -5.76
N ALA A 403 -13.83 -29.33 -5.84
CA ALA A 403 -13.91 -30.52 -4.95
C ALA A 403 -12.95 -30.34 -3.79
N GLN A 404 -12.12 -29.30 -3.86
CA GLN A 404 -11.15 -28.95 -2.80
C GLN A 404 -11.75 -27.87 -1.87
N LEU A 405 -10.94 -27.27 -1.03
CA LEU A 405 -11.49 -26.46 0.07
C LEU A 405 -11.63 -25.03 -0.41
N PRO A 406 -12.72 -24.37 0.07
CA PRO A 406 -12.94 -22.95 -0.15
C PRO A 406 -12.29 -22.14 0.97
N ALA A 407 -12.23 -20.81 0.79
CA ALA A 407 -11.96 -19.81 1.84
C ALA A 407 -12.83 -20.12 3.03
N PRO A 408 -12.32 -20.15 4.28
CA PRO A 408 -13.18 -20.28 5.43
C PRO A 408 -14.16 -19.09 5.52
N ARG A 409 -15.39 -19.38 5.92
CA ARG A 409 -16.48 -18.40 6.21
C ARG A 409 -16.65 -18.37 7.73
N THR A 410 -15.84 -17.53 8.39
CA THR A 410 -15.69 -17.46 9.86
C THR A 410 -17.04 -17.29 10.53
N LEU A 411 -18.02 -16.67 9.84
CA LEU A 411 -19.36 -16.35 10.41
C LEU A 411 -20.31 -17.54 10.25
N LEU A 412 -20.01 -18.52 9.38
CA LEU A 412 -21.05 -19.51 9.00
C LEU A 412 -21.13 -20.61 10.07
N THR A 413 -22.33 -21.03 10.50
CA THR A 413 -22.58 -22.12 11.49
C THR A 413 -23.75 -23.00 11.01
N LYS A 414 -24.92 -22.42 10.75
CA LYS A 414 -26.16 -23.15 10.32
C LYS A 414 -26.11 -23.41 8.81
N GLY A 415 -25.82 -24.67 8.45
CA GLY A 415 -25.78 -25.20 7.06
C GLY A 415 -24.34 -25.54 6.68
N THR A 416 -24.15 -26.38 5.66
CA THR A 416 -22.85 -26.56 4.96
C THR A 416 -22.92 -25.81 3.63
N LEU A 417 -21.82 -25.18 3.23
CA LEU A 417 -21.66 -24.47 1.92
C LEU A 417 -21.26 -25.45 0.80
N GLU A 418 -22.12 -25.67 -0.18
CA GLU A 418 -21.80 -26.56 -1.33
C GLU A 418 -20.89 -25.84 -2.33
N PRO A 419 -20.06 -26.57 -3.11
CA PRO A 419 -19.09 -25.97 -4.01
C PRO A 419 -19.71 -25.01 -5.05
N GLU A 420 -20.93 -25.29 -5.49
CA GLU A 420 -21.56 -24.38 -6.47
C GLU A 420 -21.70 -22.97 -5.85
N TYR A 421 -21.56 -22.83 -4.52
CA TYR A 421 -21.78 -21.53 -3.81
C TYR A 421 -20.51 -20.93 -3.17
N PHE A 422 -19.31 -21.44 -3.51
CA PHE A 422 -18.00 -20.90 -3.10
C PHE A 422 -17.77 -19.59 -3.86
N ASN A 423 -18.08 -19.55 -5.14
CA ASN A 423 -17.93 -18.28 -5.91
C ASN A 423 -18.57 -18.46 -7.28
N SER A 424 -18.59 -17.41 -8.08
CA SER A 424 -19.16 -17.39 -9.45
C SER A 424 -18.50 -18.48 -10.30
N VAL A 425 -17.18 -18.59 -10.17
CA VAL A 425 -16.41 -19.55 -10.98
C VAL A 425 -16.81 -20.97 -10.59
N CYS A 426 -16.84 -21.31 -9.30
CA CYS A 426 -17.15 -22.68 -8.86
C CYS A 426 -18.62 -22.98 -9.13
N ARG A 427 -19.45 -21.94 -9.06
CA ARG A 427 -20.88 -22.09 -9.43
C ARG A 427 -20.95 -22.61 -10.88
N LEU A 428 -20.33 -21.90 -11.84
CA LEU A 428 -20.29 -22.32 -13.25
C LEU A 428 -19.80 -23.78 -13.36
N MET A 429 -18.65 -24.12 -12.78
CA MET A 429 -18.01 -25.44 -12.98
C MET A 429 -18.95 -26.54 -12.47
N LYS A 430 -19.76 -26.28 -11.46
CA LYS A 430 -20.62 -27.32 -10.83
C LYS A 430 -22.01 -27.33 -11.48
N THR A 431 -22.32 -26.36 -12.35
CA THR A 431 -23.65 -26.23 -13.00
C THR A 431 -23.49 -26.54 -14.49
N ILE A 432 -22.67 -25.81 -15.26
CA ILE A 432 -22.44 -26.09 -16.71
C ILE A 432 -21.17 -26.94 -16.94
N GLY A 433 -20.59 -27.48 -15.85
CA GLY A 433 -19.29 -28.19 -15.88
C GLY A 433 -18.13 -27.25 -16.22
N PRO A 434 -16.87 -27.71 -16.07
CA PRO A 434 -15.70 -26.91 -16.42
C PRO A 434 -15.31 -26.98 -17.89
N ASP A 435 -14.78 -25.89 -18.45
CA ASP A 435 -14.33 -25.87 -19.86
C ASP A 435 -13.31 -26.99 -20.07
N MET A 436 -12.44 -27.21 -19.10
CA MET A 436 -11.24 -28.08 -19.22
C MET A 436 -11.10 -28.83 -17.92
N PHE A 437 -10.60 -30.06 -18.00
CA PHE A 437 -10.48 -31.05 -16.90
C PHE A 437 -9.16 -31.82 -17.07
N LEU A 438 -8.26 -31.75 -16.08
CA LEU A 438 -7.04 -32.60 -16.03
C LEU A 438 -7.42 -33.94 -15.37
N GLY A 439 -7.57 -34.99 -16.18
CA GLY A 439 -8.20 -36.25 -15.76
C GLY A 439 -7.19 -37.30 -15.37
N THR A 440 -5.90 -36.99 -15.35
CA THR A 440 -4.89 -37.96 -14.83
C THR A 440 -4.12 -37.38 -13.65
N CYS A 441 -4.37 -37.98 -12.48
CA CYS A 441 -3.66 -37.80 -11.20
C CYS A 441 -2.29 -38.52 -11.27
N ARG A 442 -1.18 -37.79 -11.14
CA ARG A 442 0.21 -38.30 -11.20
C ARG A 442 0.78 -38.53 -9.80
N ARG A 443 0.00 -38.21 -8.78
CA ARG A 443 0.54 -38.18 -7.41
C ARG A 443 0.25 -39.51 -6.75
N CYS A 444 -1.00 -39.91 -6.75
CA CYS A 444 -1.58 -40.77 -5.67
C CYS A 444 -1.63 -42.22 -6.11
N PRO A 445 -1.51 -43.15 -5.13
CA PRO A 445 -1.75 -44.56 -5.41
C PRO A 445 -3.14 -44.70 -6.04
N ALA A 446 -3.38 -45.83 -6.70
CA ALA A 446 -4.62 -46.04 -7.47
C ALA A 446 -5.78 -46.09 -6.46
N GLU A 447 -5.58 -46.73 -5.31
CA GLU A 447 -6.70 -46.96 -4.36
C GLU A 447 -7.27 -45.60 -3.93
N ILE A 448 -6.45 -44.54 -3.92
CA ILE A 448 -6.85 -43.18 -3.47
C ILE A 448 -7.48 -42.45 -4.67
N VAL A 449 -7.09 -42.79 -5.91
CA VAL A 449 -7.66 -42.12 -7.12
C VAL A 449 -9.04 -42.71 -7.42
N ASP A 450 -9.13 -44.03 -7.44
CA ASP A 450 -10.44 -44.72 -7.55
C ASP A 450 -11.42 -44.07 -6.55
N THR A 451 -10.95 -43.75 -5.34
CA THR A 451 -11.84 -43.42 -4.20
C THR A 451 -12.40 -42.03 -4.42
N VAL A 452 -11.58 -41.11 -4.91
CA VAL A 452 -12.00 -39.68 -5.03
C VAL A 452 -12.59 -39.49 -6.41
N SER A 453 -12.22 -40.32 -7.37
CA SER A 453 -12.87 -40.28 -8.70
C SER A 453 -14.37 -40.55 -8.48
N ALA A 454 -14.70 -41.60 -7.74
CA ALA A 454 -16.09 -41.96 -7.39
C ALA A 454 -16.67 -40.89 -6.47
N LEU A 455 -15.89 -40.37 -5.54
CA LEU A 455 -16.45 -39.58 -4.42
C LEU A 455 -16.93 -38.24 -4.93
N VAL A 456 -16.17 -37.55 -5.78
CA VAL A 456 -16.41 -36.11 -6.08
C VAL A 456 -16.14 -35.72 -7.55
N TYR A 457 -15.71 -36.64 -8.42
CA TYR A 457 -15.24 -36.32 -9.80
C TYR A 457 -15.97 -37.16 -10.86
N ASP A 458 -17.07 -37.85 -10.54
CA ASP A 458 -17.93 -38.58 -11.51
C ASP A 458 -17.13 -39.63 -12.30
N ASN A 459 -16.19 -40.30 -11.68
CA ASN A 459 -15.40 -41.41 -12.28
C ASN A 459 -14.66 -40.90 -13.50
N LYS A 460 -14.32 -39.61 -13.55
CA LYS A 460 -13.52 -39.05 -14.67
C LYS A 460 -12.06 -38.85 -14.25
N LEU A 461 -11.69 -39.12 -13.00
CA LEU A 461 -10.28 -38.97 -12.57
C LEU A 461 -9.63 -40.35 -12.70
N LYS A 462 -8.53 -40.41 -13.45
CA LYS A 462 -7.77 -41.66 -13.82
C LYS A 462 -6.40 -41.64 -13.11
N ALA A 463 -5.98 -42.78 -12.56
CA ALA A 463 -4.68 -42.97 -11.88
C ALA A 463 -3.58 -43.19 -12.94
N HIS A 464 -2.54 -42.36 -12.96
CA HIS A 464 -1.20 -42.72 -13.50
C HIS A 464 -0.67 -43.96 -12.78
N LYS A 465 -0.40 -43.84 -11.49
CA LYS A 465 0.23 -44.89 -10.66
C LYS A 465 -0.66 -46.12 -10.61
N ASP A 466 -0.06 -47.26 -10.29
CA ASP A 466 -0.79 -48.49 -9.91
C ASP A 466 -1.27 -48.39 -8.47
N LYS A 467 -2.02 -49.38 -8.03
CA LYS A 467 -2.25 -49.65 -6.61
C LYS A 467 -0.88 -49.69 -5.93
N SER A 468 -0.76 -49.10 -4.74
CA SER A 468 0.42 -49.15 -3.85
C SER A 468 0.33 -50.36 -2.90
N ALA A 469 -0.86 -50.89 -2.67
CA ALA A 469 -1.18 -51.86 -1.60
C ALA A 469 -0.68 -51.34 -0.23
N GLN A 470 -0.55 -50.03 -0.04
CA GLN A 470 -0.19 -49.48 1.28
C GLN A 470 -1.25 -48.43 1.68
N CYS A 471 -2.50 -48.61 1.24
CA CYS A 471 -3.65 -47.76 1.58
C CYS A 471 -4.57 -48.59 2.49
N PHE A 472 -4.71 -48.16 3.75
CA PHE A 472 -5.43 -48.91 4.80
C PHE A 472 -6.52 -48.05 5.44
N LYS A 473 -7.59 -48.69 5.89
CA LYS A 473 -8.63 -48.00 6.68
C LYS A 473 -8.99 -48.80 7.94
N MET A 474 -9.27 -48.10 9.04
N MET A 474 -9.37 -48.08 9.00
CA MET A 474 -9.83 -48.72 10.27
CA MET A 474 -9.78 -48.65 10.31
C MET A 474 -11.04 -47.91 10.73
C MET A 474 -11.03 -47.89 10.80
N PHE A 475 -12.08 -48.61 11.17
CA PHE A 475 -13.28 -48.02 11.77
C PHE A 475 -13.06 -48.09 13.28
N TYR A 476 -12.80 -46.92 13.92
CA TYR A 476 -12.57 -46.76 15.38
C TYR A 476 -13.10 -45.40 15.86
N LYS A 477 -14.28 -45.39 16.48
CA LYS A 477 -14.90 -44.12 16.98
C LYS A 477 -14.09 -43.66 18.20
N GLY A 478 -13.66 -44.61 19.01
CA GLY A 478 -12.81 -44.27 20.18
C GLY A 478 -13.53 -43.31 21.07
N VAL A 479 -12.95 -42.16 21.39
CA VAL A 479 -13.43 -41.31 22.51
C VAL A 479 -13.15 -39.86 22.14
N ILE A 480 -14.21 -39.09 21.93
CA ILE A 480 -14.07 -37.67 21.54
C ILE A 480 -14.19 -36.82 22.79
N THR A 481 -13.19 -36.00 23.03
CA THR A 481 -13.17 -34.91 24.01
C THR A 481 -13.15 -33.58 23.23
N HIS A 482 -13.70 -32.53 23.85
CA HIS A 482 -13.81 -31.16 23.28
C HIS A 482 -13.01 -30.22 24.14
N ASP A 483 -12.20 -29.37 23.52
CA ASP A 483 -11.70 -28.18 24.23
C ASP A 483 -12.43 -26.99 23.63
N VAL A 484 -11.93 -25.78 23.91
CA VAL A 484 -12.66 -24.49 23.75
C VAL A 484 -13.20 -24.29 22.32
N SER A 485 -12.56 -24.86 21.29
CA SER A 485 -12.94 -24.62 19.87
C SER A 485 -12.39 -25.71 18.91
N SER A 486 -12.10 -26.91 19.43
CA SER A 486 -11.42 -28.00 18.67
C SER A 486 -11.76 -29.33 19.33
N ALA A 487 -11.41 -30.43 18.68
CA ALA A 487 -11.78 -31.80 19.09
C ALA A 487 -10.51 -32.67 19.16
N ILE A 488 -10.52 -33.60 20.10
CA ILE A 488 -9.41 -34.52 20.34
C ILE A 488 -10.01 -35.92 20.38
N ASN A 489 -9.25 -36.90 19.84
CA ASN A 489 -9.58 -38.34 19.96
C ASN A 489 -8.29 -39.08 20.29
N ARG A 490 -7.98 -39.23 21.60
CA ARG A 490 -6.73 -39.86 22.08
C ARG A 490 -6.71 -41.35 21.70
N PRO A 491 -7.82 -42.09 21.85
CA PRO A 491 -7.81 -43.47 21.43
C PRO A 491 -7.50 -43.62 19.92
N GLN A 492 -7.97 -42.72 19.04
CA GLN A 492 -7.51 -42.77 17.61
C GLN A 492 -6.01 -42.51 17.48
N ILE A 493 -5.41 -41.67 18.33
CA ILE A 493 -3.93 -41.52 18.34
C ILE A 493 -3.29 -42.77 18.96
N GLY A 494 -3.81 -43.28 20.06
CA GLY A 494 -3.43 -44.62 20.54
C GLY A 494 -3.33 -45.62 19.40
N VAL A 495 -4.44 -45.91 18.72
CA VAL A 495 -4.46 -46.90 17.59
C VAL A 495 -3.27 -46.59 16.68
N VAL A 496 -3.00 -45.32 16.37
CA VAL A 496 -1.92 -44.94 15.42
C VAL A 496 -0.56 -45.25 16.06
N ARG A 497 -0.38 -44.92 17.34
CA ARG A 497 0.83 -45.28 18.15
C ARG A 497 1.05 -46.78 18.03
N GLU A 498 0.01 -47.59 18.20
CA GLU A 498 0.11 -49.07 18.17
C GLU A 498 0.41 -49.52 16.74
N PHE A 499 -0.14 -48.83 15.75
CA PHE A 499 0.11 -49.15 14.34
C PHE A 499 1.59 -48.91 14.02
N LEU A 500 2.16 -47.82 14.52
CA LEU A 500 3.57 -47.41 14.29
C LEU A 500 4.53 -48.42 14.95
N THR A 501 4.24 -48.95 16.17
CA THR A 501 5.12 -49.93 16.86
C THR A 501 5.23 -51.16 15.95
N ARG A 502 4.11 -51.62 15.43
CA ARG A 502 4.05 -52.76 14.47
C ARG A 502 4.47 -52.36 13.03
N ASN A 503 4.51 -51.10 12.60
CA ASN A 503 4.80 -50.70 11.18
C ASN A 503 5.74 -49.50 11.16
N PRO A 504 6.92 -49.62 11.78
CA PRO A 504 7.78 -48.46 12.02
C PRO A 504 8.24 -47.72 10.77
N ALA A 505 8.11 -48.30 9.59
CA ALA A 505 8.41 -47.59 8.30
C ALA A 505 7.54 -46.32 8.23
N TRP A 506 6.32 -46.43 8.77
CA TRP A 506 5.30 -45.35 8.72
C TRP A 506 5.68 -44.17 9.60
N ARG A 507 6.89 -44.14 10.16
CA ARG A 507 7.36 -43.00 10.99
C ARG A 507 7.94 -41.93 10.07
N LYS A 508 8.01 -42.14 8.77
CA LYS A 508 8.24 -41.01 7.83
C LYS A 508 6.91 -40.33 7.47
N ALA A 509 5.77 -40.76 8.03
CA ALA A 509 4.42 -40.29 7.66
C ALA A 509 4.16 -38.89 8.22
N VAL A 510 3.41 -38.09 7.45
CA VAL A 510 2.76 -36.84 7.91
C VAL A 510 1.45 -37.17 8.63
N PHE A 511 1.17 -36.53 9.77
CA PHE A 511 -0.10 -36.76 10.50
C PHE A 511 -1.09 -35.65 10.12
N ILE A 512 -2.26 -36.05 9.66
CA ILE A 512 -3.30 -35.10 9.20
C ILE A 512 -4.57 -35.39 9.98
N SER A 513 -5.22 -34.36 10.49
CA SER A 513 -6.60 -34.46 11.05
C SER A 513 -7.36 -33.18 10.71
N PRO A 514 -8.69 -33.18 10.87
CA PRO A 514 -9.48 -31.98 10.73
C PRO A 514 -9.45 -30.97 11.89
N TYR A 515 -8.58 -31.16 12.86
CA TYR A 515 -8.58 -30.41 14.13
C TYR A 515 -7.15 -30.15 14.59
N ASN A 516 -6.78 -28.89 14.71
CA ASN A 516 -5.44 -28.45 15.21
C ASN A 516 -5.21 -29.03 16.62
N SER A 517 -6.22 -29.19 17.49
CA SER A 517 -6.00 -29.78 18.84
C SER A 517 -5.60 -31.26 18.75
N GLN A 518 -6.33 -32.07 17.95
CA GLN A 518 -5.92 -33.48 17.68
C GLN A 518 -4.43 -33.48 17.26
N ASN A 519 -4.11 -32.69 16.24
CA ASN A 519 -2.75 -32.48 15.70
C ASN A 519 -1.74 -32.25 16.84
N ALA A 520 -2.09 -31.48 17.88
CA ALA A 520 -1.17 -31.04 18.95
C ALA A 520 -0.89 -32.21 19.88
N VAL A 521 -1.96 -32.92 20.26
CA VAL A 521 -1.85 -34.16 21.08
C VAL A 521 -0.99 -35.17 20.32
N ALA A 522 -1.29 -35.39 19.03
CA ALA A 522 -0.64 -36.38 18.13
C ALA A 522 0.86 -36.06 18.03
N SER A 523 1.21 -34.79 18.04
CA SER A 523 2.59 -34.32 17.79
C SER A 523 3.44 -34.73 18.98
N LYS A 524 2.89 -34.50 20.16
CA LYS A 524 3.45 -34.87 21.49
C LYS A 524 3.60 -36.39 21.51
N ILE A 525 2.53 -37.14 21.24
CA ILE A 525 2.50 -38.62 21.45
C ILE A 525 3.24 -39.43 20.36
N LEU A 526 3.31 -38.95 19.13
CA LEU A 526 3.79 -39.73 17.96
C LEU A 526 5.07 -39.09 17.44
N GLY A 527 5.19 -37.79 17.58
CA GLY A 527 6.33 -37.07 17.00
C GLY A 527 6.28 -37.01 15.48
N LEU A 528 5.18 -37.32 14.81
CA LEU A 528 5.08 -37.09 13.34
C LEU A 528 4.86 -35.61 13.08
N PRO A 529 5.26 -35.08 11.90
CA PRO A 529 4.83 -33.76 11.46
C PRO A 529 3.31 -33.79 11.28
N THR A 530 2.61 -32.77 11.77
CA THR A 530 1.15 -32.61 11.66
C THR A 530 0.79 -31.46 10.70
N GLN A 531 -0.37 -31.61 10.05
CA GLN A 531 -1.07 -30.62 9.20
C GLN A 531 -2.57 -30.80 9.42
N THR A 532 -3.32 -29.72 9.60
CA THR A 532 -4.80 -29.78 9.38
C THR A 532 -5.07 -30.03 7.89
N VAL A 533 -6.14 -30.74 7.58
CA VAL A 533 -6.55 -30.94 6.17
C VAL A 533 -6.43 -29.61 5.43
N ASP A 534 -6.85 -28.51 6.07
CA ASP A 534 -6.98 -27.17 5.42
C ASP A 534 -5.58 -26.62 5.15
N SER A 535 -4.63 -26.82 6.05
CA SER A 535 -3.24 -26.35 5.86
C SER A 535 -2.53 -27.27 4.88
N SER A 536 -3.02 -28.50 4.68
CA SER A 536 -2.36 -29.52 3.81
C SER A 536 -2.69 -29.30 2.32
N GLN A 537 -3.79 -28.61 2.00
CA GLN A 537 -4.19 -28.35 0.58
C GLN A 537 -2.98 -27.84 -0.23
N GLY A 538 -2.67 -28.46 -1.35
CA GLY A 538 -1.54 -28.03 -2.18
C GLY A 538 -0.20 -28.67 -1.80
N SER A 539 -0.08 -29.35 -0.65
CA SER A 539 1.13 -30.14 -0.29
C SER A 539 0.94 -31.65 -0.52
N GLU A 540 2.02 -32.37 -0.83
CA GLU A 540 2.02 -33.88 -0.95
C GLU A 540 3.06 -34.49 -0.04
N TYR A 541 2.83 -35.71 0.41
CA TYR A 541 3.75 -36.49 1.29
C TYR A 541 3.67 -37.98 0.88
N ASP A 542 4.79 -38.71 0.91
CA ASP A 542 4.77 -40.15 0.54
C ASP A 542 3.71 -40.86 1.38
N TYR A 543 3.75 -40.68 2.70
CA TYR A 543 2.89 -41.40 3.68
C TYR A 543 2.08 -40.41 4.52
N VAL A 544 0.82 -40.72 4.73
CA VAL A 544 -0.15 -39.83 5.45
C VAL A 544 -0.83 -40.71 6.49
N ILE A 545 -0.84 -40.33 7.75
CA ILE A 545 -1.76 -40.94 8.73
C ILE A 545 -2.86 -39.93 9.02
N PHE A 546 -4.12 -40.37 8.95
CA PHE A 546 -5.32 -39.48 9.05
C PHE A 546 -6.24 -40.02 10.15
N THR A 547 -6.47 -39.21 11.19
CA THR A 547 -7.52 -39.48 12.21
C THR A 547 -8.71 -38.55 11.89
N GLN A 548 -9.86 -39.09 11.46
CA GLN A 548 -11.10 -38.31 11.33
C GLN A 548 -11.43 -37.58 12.65
N THR A 549 -11.15 -38.18 13.81
CA THR A 549 -11.36 -37.57 15.17
C THR A 549 -12.85 -37.57 15.56
N THR A 550 -13.73 -36.98 14.75
CA THR A 550 -15.22 -36.92 14.96
C THR A 550 -15.97 -37.31 13.67
N GLU A 551 -17.29 -37.49 13.76
CA GLU A 551 -18.20 -37.66 12.59
C GLU A 551 -18.98 -36.37 12.30
N THR A 552 -18.46 -35.21 12.66
CA THR A 552 -19.16 -33.92 12.48
C THR A 552 -19.37 -33.60 10.99
N ALA A 553 -20.26 -32.67 10.69
CA ALA A 553 -20.35 -32.03 9.37
C ALA A 553 -18.95 -31.62 8.92
N HIS A 554 -18.13 -31.08 9.84
CA HIS A 554 -16.75 -30.56 9.56
C HIS A 554 -15.87 -31.74 9.14
N SER A 555 -15.88 -32.82 9.91
CA SER A 555 -14.90 -33.92 9.74
C SER A 555 -15.40 -34.85 8.61
N CYS A 556 -16.70 -34.79 8.21
CA CYS A 556 -17.29 -35.55 7.07
C CYS A 556 -17.44 -34.64 5.84
N ASN A 557 -16.91 -33.43 5.83
CA ASN A 557 -17.05 -32.61 4.60
C ASN A 557 -16.35 -33.35 3.44
N VAL A 558 -17.10 -33.74 2.41
CA VAL A 558 -16.52 -34.55 1.29
C VAL A 558 -15.37 -33.79 0.63
N ASN A 559 -15.36 -32.46 0.59
CA ASN A 559 -14.19 -31.71 0.01
C ASN A 559 -12.99 -31.85 0.94
N ARG A 560 -13.21 -31.80 2.26
CA ARG A 560 -12.09 -31.88 3.23
C ARG A 560 -11.49 -33.28 3.10
N PHE A 561 -12.36 -34.26 3.01
CA PHE A 561 -11.97 -35.69 2.90
C PHE A 561 -11.14 -35.91 1.64
N ASN A 562 -11.65 -35.40 0.51
CA ASN A 562 -10.97 -35.40 -0.82
C ASN A 562 -9.55 -34.85 -0.64
N VAL A 563 -9.38 -33.70 0.03
CA VAL A 563 -8.04 -33.07 0.24
C VAL A 563 -7.21 -33.95 1.20
N ALA A 564 -7.81 -34.45 2.28
CA ALA A 564 -7.07 -35.21 3.31
C ALA A 564 -6.28 -36.33 2.64
N ILE A 565 -7.01 -37.22 1.95
CA ILE A 565 -6.46 -38.51 1.44
C ILE A 565 -5.67 -38.36 0.14
N THR A 566 -5.83 -37.28 -0.64
CA THR A 566 -5.06 -37.07 -1.90
C THR A 566 -3.73 -36.36 -1.59
N ARG A 567 -3.35 -36.31 -0.30
CA ARG A 567 -2.02 -35.75 0.07
C ARG A 567 -0.95 -36.84 -0.11
N ALA A 568 -1.35 -38.13 -0.08
CA ALA A 568 -0.46 -39.34 -0.09
C ALA A 568 0.07 -39.64 -1.50
N LYS A 569 1.39 -39.68 -1.69
CA LYS A 569 2.02 -40.18 -2.96
C LYS A 569 2.13 -41.72 -2.97
N VAL A 570 2.17 -42.40 -1.81
CA VAL A 570 2.49 -43.86 -1.73
C VAL A 570 1.49 -44.61 -0.86
N GLY A 571 1.42 -44.27 0.42
CA GLY A 571 0.59 -44.99 1.40
C GLY A 571 -0.18 -44.02 2.27
N ILE A 572 -1.29 -44.48 2.86
CA ILE A 572 -2.14 -43.72 3.83
C ILE A 572 -2.77 -44.71 4.81
N LEU A 573 -2.80 -44.36 6.09
CA LEU A 573 -3.73 -44.99 7.05
C LEU A 573 -4.84 -43.97 7.31
N CYS A 574 -6.11 -44.36 7.18
CA CYS A 574 -7.28 -43.56 7.58
C CYS A 574 -7.92 -44.25 8.78
N ILE A 575 -7.78 -43.69 9.98
CA ILE A 575 -8.62 -44.09 11.16
C ILE A 575 -9.91 -43.28 11.05
N MET A 576 -11.06 -43.94 10.84
CA MET A 576 -12.35 -43.29 10.52
C MET A 576 -13.32 -43.43 11.71
N SER A 577 -14.17 -42.41 11.84
CA SER A 577 -15.30 -42.29 12.79
C SER A 577 -16.59 -42.52 11.99
N ASP A 578 -16.65 -41.96 10.80
CA ASP A 578 -17.88 -41.97 9.99
C ASP A 578 -17.97 -43.29 9.23
N ARG A 579 -19.05 -44.03 9.43
CA ARG A 579 -19.30 -45.34 8.75
C ARG A 579 -19.52 -45.11 7.24
N ASP A 580 -20.02 -43.94 6.84
CA ASP A 580 -20.31 -43.60 5.42
C ASP A 580 -19.01 -43.51 4.61
N LEU A 581 -18.12 -42.56 4.92
CA LEU A 581 -16.82 -42.40 4.20
C LEU A 581 -15.87 -43.61 4.43
N TYR A 582 -15.96 -44.34 5.53
CA TYR A 582 -15.12 -45.50 5.79
C TYR A 582 -15.41 -46.50 4.68
N ASP A 583 -16.68 -46.60 4.32
CA ASP A 583 -17.23 -47.60 3.39
C ASP A 583 -16.93 -47.14 1.96
N LYS A 584 -16.75 -45.84 1.72
CA LYS A 584 -16.38 -45.30 0.37
C LYS A 584 -14.87 -45.38 0.19
N LEU A 585 -14.10 -45.67 1.24
CA LEU A 585 -12.63 -45.78 1.11
C LEU A 585 -12.31 -47.15 0.48
N GLN A 586 -11.77 -47.14 -0.74
CA GLN A 586 -11.42 -48.36 -1.49
C GLN A 586 -10.03 -48.80 -1.05
N PHE A 587 -9.92 -49.26 0.19
CA PHE A 587 -8.62 -49.39 0.89
C PHE A 587 -8.70 -50.72 1.56
N THR A 588 -7.55 -51.32 1.85
CA THR A 588 -7.50 -52.57 2.65
C THR A 588 -7.97 -52.23 4.06
N SER A 589 -9.03 -52.87 4.54
CA SER A 589 -9.48 -52.75 5.96
C SER A 589 -8.49 -53.46 6.88
N LEU A 590 -8.39 -53.00 8.13
CA LEU A 590 -7.54 -53.59 9.21
C LEU A 590 -8.38 -53.67 10.48
N GLU A 591 -8.20 -54.72 11.30
CA GLU A 591 -8.88 -54.94 12.62
C GLU A 591 -8.19 -54.06 13.67
N ILE A 592 -8.79 -53.94 14.85
CA ILE A 592 -8.32 -53.12 16.02
C ILE A 592 -7.52 -54.00 16.98
N PRO A 593 -6.25 -53.66 17.31
CA PRO A 593 -5.53 -54.32 18.40
C PRO A 593 -6.07 -54.04 19.81
N ALA B 1 10.16 -5.10 -25.21
CA ALA B 1 11.12 -4.12 -25.78
C ALA B 1 10.42 -3.23 -26.82
N VAL B 2 9.18 -2.80 -26.53
CA VAL B 2 8.47 -1.73 -27.27
C VAL B 2 7.98 -0.72 -26.23
N GLY B 3 8.18 0.58 -26.51
CA GLY B 3 7.75 1.70 -25.64
C GLY B 3 7.70 3.01 -26.40
N ALA B 4 7.34 4.09 -25.70
CA ALA B 4 7.29 5.47 -26.24
C ALA B 4 8.69 6.07 -26.11
N CYS B 5 8.94 7.17 -26.83
CA CYS B 5 10.24 7.91 -26.82
C CYS B 5 10.16 9.08 -25.84
N VAL B 6 10.94 9.01 -24.74
CA VAL B 6 10.79 9.88 -23.54
C VAL B 6 11.09 11.35 -23.90
N LEU B 7 11.28 11.70 -25.17
CA LEU B 7 11.57 13.11 -25.59
C LEU B 7 10.50 13.66 -26.53
N CYS B 8 10.05 12.86 -27.52
CA CYS B 8 9.07 13.23 -28.58
C CYS B 8 7.83 12.33 -28.52
N ASN B 9 7.91 11.20 -27.80
CA ASN B 9 6.78 10.30 -27.49
C ASN B 9 6.81 9.08 -28.42
N SER B 10 7.42 9.21 -29.61
CA SER B 10 7.39 8.24 -30.75
C SER B 10 7.48 6.79 -30.26
N GLN B 11 6.83 5.87 -30.96
CA GLN B 11 6.92 4.40 -30.71
C GLN B 11 8.37 3.98 -31.08
N THR B 12 9.00 3.09 -30.29
CA THR B 12 10.39 2.59 -30.58
C THR B 12 10.66 1.27 -29.86
N SER B 13 11.65 0.54 -30.36
CA SER B 13 12.20 -0.74 -29.81
C SER B 13 13.48 -0.45 -29.01
N LEU B 14 13.90 0.81 -28.98
CA LEU B 14 15.29 1.22 -28.59
C LEU B 14 15.27 1.94 -27.24
N ARG B 15 15.96 1.36 -26.26
CA ARG B 15 16.33 1.99 -24.97
C ARG B 15 17.86 2.16 -24.91
N CYS B 16 18.37 3.21 -24.26
CA CYS B 16 19.81 3.42 -23.93
C CYS B 16 20.20 2.60 -22.68
N GLY B 17 21.19 1.73 -22.82
CA GLY B 17 21.61 0.81 -21.74
C GLY B 17 22.58 1.51 -20.82
N ALA B 18 22.90 2.76 -21.14
CA ALA B 18 23.98 3.57 -20.52
C ALA B 18 23.37 4.51 -19.48
N CYS B 19 22.28 5.22 -19.82
CA CYS B 19 21.37 5.80 -18.80
C CYS B 19 21.04 4.77 -17.70
N ILE B 20 21.05 5.18 -16.42
CA ILE B 20 20.76 4.27 -15.27
C ILE B 20 19.32 3.75 -15.33
N ARG B 21 18.38 4.51 -15.92
CA ARG B 21 16.93 4.17 -16.01
C ARG B 21 16.60 3.27 -17.22
N ARG B 22 17.19 3.53 -18.40
CA ARG B 22 17.06 2.74 -19.67
C ARG B 22 15.85 3.24 -20.44
N PRO B 23 15.83 4.54 -20.80
CA PRO B 23 14.70 5.12 -21.49
C PRO B 23 14.59 4.74 -22.96
N PHE B 24 13.38 4.38 -23.40
CA PHE B 24 12.95 4.25 -24.83
C PHE B 24 13.24 5.57 -25.58
N LEU B 25 14.22 5.58 -26.49
CA LEU B 25 14.56 6.73 -27.37
C LEU B 25 14.21 6.42 -28.82
N CYS B 26 13.43 7.30 -29.46
CA CYS B 26 13.08 7.17 -30.89
C CYS B 26 14.37 7.31 -31.69
N CYS B 27 14.55 6.44 -32.68
CA CYS B 27 15.68 6.47 -33.65
C CYS B 27 16.23 7.90 -33.82
N LYS B 28 15.44 8.83 -34.34
CA LYS B 28 15.87 10.22 -34.68
C LYS B 28 16.64 10.84 -33.50
N CYS B 29 16.20 10.54 -32.27
CA CYS B 29 16.69 11.13 -30.99
C CYS B 29 17.84 10.25 -30.40
N CYS B 30 17.64 8.93 -30.25
CA CYS B 30 18.65 7.95 -29.73
C CYS B 30 20.03 8.14 -30.37
N TYR B 31 20.06 8.51 -31.64
CA TYR B 31 21.27 8.91 -32.38
C TYR B 31 21.94 10.07 -31.62
N ASP B 32 21.22 11.20 -31.54
CA ASP B 32 21.73 12.50 -31.00
C ASP B 32 22.15 12.29 -29.54
N HIS B 33 21.58 11.29 -28.83
CA HIS B 33 22.13 10.79 -27.54
C HIS B 33 23.53 10.20 -27.80
N VAL B 34 23.64 9.10 -28.56
CA VAL B 34 24.87 8.25 -28.63
C VAL B 34 25.98 9.00 -29.39
N ILE B 35 25.63 9.88 -30.32
CA ILE B 35 26.67 10.64 -31.09
C ILE B 35 27.25 11.80 -30.25
N SER B 36 26.71 12.13 -29.06
CA SER B 36 27.13 13.31 -28.26
C SER B 36 27.37 12.99 -26.76
N THR B 37 27.27 11.72 -26.33
CA THR B 37 27.56 11.30 -24.93
C THR B 37 28.42 10.01 -24.90
N SER B 38 29.13 9.78 -23.82
CA SER B 38 29.83 8.50 -23.54
C SER B 38 28.82 7.34 -23.58
N HIS B 39 27.54 7.62 -23.86
CA HIS B 39 26.46 6.60 -23.92
C HIS B 39 26.44 6.02 -25.34
N LYS B 40 26.93 4.78 -25.49
CA LYS B 40 27.03 4.12 -26.81
C LYS B 40 26.13 2.87 -26.85
N LEU B 41 25.96 2.16 -25.72
CA LEU B 41 25.09 0.94 -25.66
C LEU B 41 23.61 1.26 -25.96
N VAL B 42 23.07 0.62 -27.00
CA VAL B 42 21.60 0.63 -27.29
C VAL B 42 21.07 -0.78 -26.96
N LEU B 43 19.77 -0.92 -26.67
CA LEU B 43 19.07 -2.22 -26.48
C LEU B 43 17.76 -2.21 -27.30
N SER B 44 17.28 -3.41 -27.64
CA SER B 44 15.88 -3.77 -28.01
C SER B 44 15.66 -5.22 -27.57
N VAL B 45 14.67 -5.93 -28.12
CA VAL B 45 14.42 -7.38 -27.83
C VAL B 45 15.78 -8.03 -27.49
N ASN B 46 16.79 -7.71 -28.30
CA ASN B 46 18.19 -8.21 -28.21
C ASN B 46 19.11 -7.00 -28.09
N PRO B 47 20.28 -7.12 -27.44
CA PRO B 47 21.28 -6.05 -27.45
C PRO B 47 21.88 -5.76 -28.84
N TYR B 48 21.98 -4.48 -29.20
CA TYR B 48 22.86 -3.96 -30.28
C TYR B 48 24.33 -4.13 -29.86
N VAL B 49 24.87 -5.32 -30.10
CA VAL B 49 26.29 -5.73 -29.85
C VAL B 49 26.72 -6.58 -31.05
N CYS B 50 28.02 -6.66 -31.37
CA CYS B 50 28.55 -7.55 -32.45
C CYS B 50 28.22 -9.00 -32.12
N ASN B 51 27.39 -9.61 -32.97
CA ASN B 51 26.85 -10.98 -32.77
C ASN B 51 27.93 -12.02 -33.09
N ALA B 52 29.11 -11.58 -33.53
CA ALA B 52 30.31 -12.39 -33.85
C ALA B 52 30.87 -13.03 -32.57
N PRO B 53 31.18 -14.35 -32.55
CA PRO B 53 31.80 -14.97 -31.39
C PRO B 53 33.03 -14.20 -30.90
N GLY B 54 33.06 -13.89 -29.59
CA GLY B 54 34.24 -13.40 -28.85
C GLY B 54 34.44 -11.90 -28.97
N CYS B 55 33.78 -11.26 -29.93
CA CYS B 55 33.90 -9.80 -30.18
C CYS B 55 33.22 -9.12 -29.01
N ASP B 56 33.74 -7.97 -28.57
CA ASP B 56 33.22 -7.24 -27.37
C ASP B 56 32.74 -5.84 -27.75
N VAL B 57 32.71 -5.48 -29.06
CA VAL B 57 32.22 -4.16 -29.59
C VAL B 57 30.72 -4.04 -29.28
N THR B 58 30.37 -3.05 -28.43
CA THR B 58 28.98 -2.72 -27.97
C THR B 58 28.58 -1.33 -28.45
N ASP B 59 29.54 -0.57 -29.00
CA ASP B 59 29.33 0.86 -29.38
C ASP B 59 28.59 0.88 -30.72
N VAL B 60 27.27 1.12 -30.66
CA VAL B 60 26.31 1.28 -31.79
C VAL B 60 26.91 2.13 -32.93
N THR B 61 27.84 3.04 -32.66
CA THR B 61 28.45 3.95 -33.68
C THR B 61 29.48 3.20 -34.52
N GLN B 62 29.92 2.03 -34.03
CA GLN B 62 30.90 1.13 -34.69
C GLN B 62 30.24 -0.19 -35.13
N LEU B 63 28.89 -0.25 -35.23
CA LEU B 63 28.08 -1.48 -35.49
C LEU B 63 27.24 -1.35 -36.77
N TYR B 64 26.75 -2.48 -37.28
CA TYR B 64 26.08 -2.62 -38.60
C TYR B 64 25.04 -3.73 -38.55
N LEU B 65 23.98 -3.57 -39.37
CA LEU B 65 22.93 -4.60 -39.66
C LEU B 65 23.44 -5.52 -40.79
N GLY B 66 23.56 -6.83 -40.50
CA GLY B 66 23.98 -7.86 -41.48
C GLY B 66 22.97 -9.00 -41.49
N GLY B 67 22.12 -9.06 -42.51
CA GLY B 67 20.85 -9.80 -42.44
C GLY B 67 20.02 -9.34 -41.25
N MET B 68 19.57 -10.28 -40.43
CA MET B 68 18.76 -10.02 -39.20
C MET B 68 19.68 -9.59 -38.05
N SER B 69 21.01 -9.76 -38.19
CA SER B 69 21.99 -9.64 -37.07
C SER B 69 22.87 -8.38 -37.21
N TYR B 70 23.61 -8.07 -36.13
CA TYR B 70 24.41 -6.82 -35.97
C TYR B 70 25.86 -7.21 -35.78
N TYR B 71 26.78 -6.49 -36.43
CA TYR B 71 28.24 -6.81 -36.46
C TYR B 71 29.07 -5.52 -36.47
N CYS B 72 30.33 -5.58 -36.03
CA CYS B 72 31.28 -4.45 -36.12
C CYS B 72 31.85 -4.32 -37.55
N LYS B 73 32.77 -3.37 -37.80
CA LYS B 73 33.40 -3.14 -39.12
C LYS B 73 34.28 -4.35 -39.49
N SER B 74 34.78 -5.08 -38.47
CA SER B 74 35.65 -6.30 -38.55
C SER B 74 34.85 -7.58 -38.85
N HIS B 75 33.51 -7.56 -38.81
CA HIS B 75 32.68 -8.79 -38.80
C HIS B 75 31.45 -8.61 -39.70
N LYS B 76 31.06 -7.37 -40.02
CA LYS B 76 29.91 -7.10 -40.92
C LYS B 76 30.17 -7.86 -42.22
N PRO B 77 29.12 -8.41 -42.87
CA PRO B 77 29.27 -8.99 -44.21
C PRO B 77 29.27 -7.83 -45.21
N PRO B 78 29.57 -8.06 -46.49
CA PRO B 78 29.64 -6.95 -47.46
C PRO B 78 28.37 -6.07 -47.49
N ILE B 79 27.20 -6.67 -47.70
CA ILE B 79 25.89 -5.95 -47.75
C ILE B 79 25.46 -5.75 -46.30
N SER B 80 25.74 -4.56 -45.77
CA SER B 80 25.44 -4.15 -44.37
C SER B 80 25.29 -2.62 -44.31
N PHE B 81 24.18 -2.20 -43.70
CA PHE B 81 23.85 -0.81 -43.28
C PHE B 81 24.54 -0.53 -41.94
N PRO B 82 25.18 0.64 -41.75
CA PRO B 82 25.65 1.07 -40.43
C PRO B 82 24.47 1.46 -39.53
N LEU B 83 24.44 0.94 -38.31
CA LEU B 83 23.27 1.13 -37.40
C LEU B 83 23.07 2.64 -37.18
N CYS B 84 24.17 3.40 -37.22
CA CYS B 84 24.17 4.89 -37.11
C CYS B 84 24.42 5.50 -38.50
N ALA B 85 23.40 6.11 -39.09
CA ALA B 85 23.52 6.90 -40.33
C ALA B 85 22.39 7.93 -40.42
N ASN B 86 22.58 8.96 -41.25
CA ASN B 86 21.53 10.00 -41.53
C ASN B 86 20.73 10.24 -40.24
N GLY B 87 21.43 10.73 -39.20
CA GLY B 87 20.89 11.27 -37.94
C GLY B 87 20.08 10.28 -37.12
N GLN B 88 20.06 8.99 -37.51
CA GLN B 88 19.15 7.94 -36.96
C GLN B 88 19.93 6.67 -36.57
N VAL B 89 19.38 5.91 -35.63
CA VAL B 89 19.82 4.54 -35.22
C VAL B 89 18.73 3.57 -35.68
N PHE B 90 19.05 2.66 -36.59
CA PHE B 90 18.08 1.63 -37.07
C PHE B 90 17.34 1.08 -35.85
N GLY B 91 16.02 1.00 -35.98
CA GLY B 91 15.07 0.42 -35.00
C GLY B 91 13.65 0.58 -35.48
N LEU B 92 12.71 -0.14 -34.88
CA LEU B 92 11.32 -0.25 -35.39
C LEU B 92 10.68 1.15 -35.43
N TYR B 93 9.82 1.39 -36.42
CA TYR B 93 8.84 2.51 -36.54
C TYR B 93 9.52 3.78 -37.10
N LYS B 94 10.76 3.66 -37.61
CA LYS B 94 11.63 4.77 -38.13
C LYS B 94 10.88 5.65 -39.14
N VAL B 103 17.08 17.56 -26.88
CA VAL B 103 17.95 16.36 -26.60
C VAL B 103 19.28 16.80 -25.97
N THR B 104 19.82 17.97 -26.36
CA THR B 104 20.97 18.61 -25.67
C THR B 104 20.72 18.53 -24.16
N ASP B 105 19.55 18.97 -23.71
CA ASP B 105 19.08 18.94 -22.30
C ASP B 105 18.99 17.48 -21.81
N PHE B 106 18.31 16.62 -22.56
CA PHE B 106 18.22 15.17 -22.27
C PHE B 106 19.63 14.67 -21.92
N ASN B 107 20.59 14.95 -22.81
CA ASN B 107 21.97 14.40 -22.75
C ASN B 107 22.60 14.83 -21.43
N ALA B 108 22.56 16.16 -21.21
CA ALA B 108 23.06 16.84 -19.98
C ALA B 108 22.44 16.15 -18.76
N ILE B 109 21.15 15.80 -18.83
CA ILE B 109 20.44 15.14 -17.69
C ILE B 109 20.89 13.69 -17.57
N ALA B 110 20.95 12.96 -18.69
CA ALA B 110 21.32 11.51 -18.73
C ALA B 110 22.71 11.29 -18.15
N THR B 111 23.64 12.24 -18.38
CA THR B 111 25.09 12.10 -18.08
C THR B 111 25.52 12.77 -16.76
N CYS B 112 24.80 13.79 -16.26
CA CYS B 112 25.16 14.55 -15.02
C CYS B 112 25.11 13.63 -13.78
N ASP B 113 25.94 13.93 -12.75
CA ASP B 113 26.11 13.19 -11.46
C ASP B 113 25.27 13.80 -10.31
N TRP B 114 24.63 14.98 -10.53
CA TRP B 114 23.65 15.64 -9.62
C TRP B 114 24.34 16.27 -8.38
N THR B 115 25.55 16.78 -8.57
CA THR B 115 26.36 17.44 -7.52
C THR B 115 26.45 18.94 -7.86
N ASN B 116 25.94 19.32 -9.04
CA ASN B 116 25.96 20.70 -9.57
C ASN B 116 24.54 21.26 -9.50
N ALA B 117 24.39 22.49 -9.02
CA ALA B 117 23.09 23.18 -8.95
C ALA B 117 22.49 23.19 -10.36
N GLY B 118 23.27 23.66 -11.34
CA GLY B 118 22.89 23.67 -12.76
C GLY B 118 22.23 22.36 -13.21
N ASP B 119 22.55 21.24 -12.57
CA ASP B 119 21.88 19.93 -12.82
C ASP B 119 20.40 20.08 -12.46
N TYR B 120 20.14 20.62 -11.27
CA TYR B 120 18.79 20.77 -10.74
C TYR B 120 18.14 21.88 -11.54
N ILE B 121 18.91 22.87 -11.96
CA ILE B 121 18.35 24.03 -12.70
C ILE B 121 17.72 23.50 -13.98
N LEU B 122 18.49 22.71 -14.71
CA LEU B 122 18.08 22.11 -16.03
C LEU B 122 16.89 21.17 -15.84
N ALA B 123 16.89 20.35 -14.78
CA ALA B 123 15.80 19.39 -14.42
C ALA B 123 14.46 20.10 -14.18
N ASN B 124 14.44 21.45 -14.21
CA ASN B 124 13.27 22.29 -13.82
C ASN B 124 12.96 23.32 -14.91
N THR B 125 13.88 23.57 -15.84
CA THR B 125 13.69 24.50 -16.98
C THR B 125 13.41 23.69 -18.24
N CYS B 126 13.35 22.36 -18.14
CA CYS B 126 13.25 21.46 -19.31
C CYS B 126 11.76 21.29 -19.68
N THR B 127 11.51 20.52 -20.75
CA THR B 127 10.19 20.01 -21.16
C THR B 127 9.66 19.03 -20.07
N GLU B 128 8.35 18.79 -20.06
CA GLU B 128 7.66 18.13 -18.91
C GLU B 128 8.08 16.66 -18.86
N ARG B 129 8.16 15.96 -20.00
CA ARG B 129 8.51 14.51 -20.00
C ARG B 129 9.97 14.37 -19.53
N LEU B 130 10.81 15.34 -19.86
CA LEU B 130 12.21 15.35 -19.38
C LEU B 130 12.28 15.59 -17.87
N LYS B 131 11.36 16.35 -17.28
CA LYS B 131 11.41 16.63 -15.82
C LYS B 131 11.24 15.29 -15.11
N LEU B 132 10.40 14.41 -15.67
CA LEU B 132 10.12 13.07 -15.07
C LEU B 132 11.37 12.20 -15.20
N PHE B 133 11.98 12.16 -16.39
CA PHE B 133 13.25 11.44 -16.67
C PHE B 133 14.29 11.91 -15.64
N ALA B 134 14.49 13.25 -15.60
CA ALA B 134 15.40 14.01 -14.69
C ALA B 134 15.10 13.61 -13.23
N ALA B 135 13.84 13.73 -12.80
CA ALA B 135 13.37 13.34 -11.46
C ALA B 135 13.73 11.87 -11.18
N GLU B 136 13.45 11.00 -12.13
CA GLU B 136 13.54 9.53 -11.92
C GLU B 136 15.02 9.16 -11.77
N THR B 137 15.84 9.79 -12.61
CA THR B 137 17.30 9.58 -12.70
C THR B 137 17.95 9.99 -11.36
N LEU B 138 17.68 11.25 -10.96
CA LEU B 138 18.24 11.87 -9.73
C LEU B 138 17.97 10.94 -8.55
N LYS B 139 16.70 10.59 -8.36
CA LYS B 139 16.24 9.71 -7.25
C LYS B 139 17.02 8.39 -7.32
N ALA B 140 17.19 7.85 -8.53
CA ALA B 140 17.94 6.59 -8.74
C ALA B 140 19.36 6.82 -8.24
N THR B 141 19.98 7.86 -8.78
CA THR B 141 21.36 8.23 -8.42
C THR B 141 21.47 8.51 -6.91
N GLU B 142 20.49 9.26 -6.37
CA GLU B 142 20.36 9.50 -4.91
C GLU B 142 20.33 8.16 -4.17
N GLU B 143 19.52 7.22 -4.65
CA GLU B 143 19.29 5.92 -3.96
C GLU B 143 20.55 5.05 -4.09
N THR B 144 21.15 5.00 -5.28
CA THR B 144 22.33 4.12 -5.56
C THR B 144 23.59 4.69 -4.88
N PHE B 145 23.58 5.95 -4.43
CA PHE B 145 24.71 6.51 -3.69
C PHE B 145 24.68 6.05 -2.22
N LYS B 146 23.52 5.65 -1.69
CA LYS B 146 23.37 5.26 -0.26
C LYS B 146 24.07 3.91 -0.02
N LEU B 147 24.24 3.12 -1.08
CA LEU B 147 24.96 1.82 -1.05
C LEU B 147 26.46 2.06 -0.78
N SER B 148 26.97 3.24 -1.11
CA SER B 148 28.40 3.67 -1.06
C SER B 148 28.86 3.99 0.37
N TYR B 149 27.95 4.11 1.34
CA TYR B 149 28.23 4.45 2.77
C TYR B 149 28.48 3.19 3.59
N GLY B 150 29.30 3.31 4.64
CA GLY B 150 29.79 2.20 5.48
C GLY B 150 28.75 1.72 6.48
N ILE B 151 28.65 0.40 6.67
CA ILE B 151 27.67 -0.28 7.57
C ILE B 151 28.18 -0.17 9.01
N ALA B 152 27.48 0.58 9.87
CA ALA B 152 27.79 0.78 11.31
C ALA B 152 27.19 -0.37 12.13
N THR B 153 28.01 -1.04 12.96
CA THR B 153 27.54 -2.08 13.90
C THR B 153 27.89 -1.64 15.32
N VAL B 154 27.06 -2.04 16.29
CA VAL B 154 27.16 -1.64 17.72
C VAL B 154 28.20 -2.55 18.40
N ARG B 155 29.42 -2.03 18.59
CA ARG B 155 30.49 -2.70 19.36
C ARG B 155 30.00 -2.94 20.79
N GLU B 156 29.31 -1.96 21.41
CA GLU B 156 28.71 -2.09 22.78
C GLU B 156 27.57 -1.10 23.03
N VAL B 157 26.54 -1.54 23.79
CA VAL B 157 25.37 -0.73 24.28
C VAL B 157 25.82 -0.01 25.56
N LEU B 158 25.49 1.27 25.74
CA LEU B 158 25.74 1.99 27.03
C LEU B 158 24.44 2.07 27.85
N SER B 159 23.46 2.86 27.39
CA SER B 159 22.20 3.13 28.13
C SER B 159 21.00 2.74 27.25
N ASP B 160 19.84 3.36 27.50
CA ASP B 160 18.59 3.17 26.72
C ASP B 160 18.53 4.17 25.56
N ARG B 161 19.47 5.13 25.50
CA ARG B 161 19.52 6.16 24.42
C ARG B 161 20.95 6.47 23.94
N GLU B 162 21.97 5.69 24.30
CA GLU B 162 23.39 5.94 23.89
C GLU B 162 24.12 4.60 23.66
N LEU B 163 25.01 4.55 22.66
CA LEU B 163 25.89 3.37 22.38
C LEU B 163 27.18 3.83 21.67
N HIS B 164 28.10 2.87 21.47
CA HIS B 164 29.42 3.05 20.81
C HIS B 164 29.42 2.28 19.48
N LEU B 165 29.57 2.99 18.35
CA LEU B 165 29.40 2.46 16.96
C LEU B 165 30.76 2.15 16.34
N SER B 166 30.86 1.00 15.66
CA SER B 166 32.02 0.55 14.83
C SER B 166 31.62 0.51 13.35
N TRP B 167 32.25 1.39 12.53
CA TRP B 167 31.99 1.63 11.09
C TRP B 167 32.84 0.71 10.22
N GLU B 168 32.37 0.38 9.01
CA GLU B 168 33.06 -0.52 8.04
C GLU B 168 34.24 0.22 7.40
N VAL B 169 35.33 -0.51 7.17
CA VAL B 169 36.65 -0.01 6.67
C VAL B 169 36.51 0.37 5.18
N GLY B 170 37.22 1.42 4.75
CA GLY B 170 37.37 1.89 3.35
C GLY B 170 36.12 2.54 2.77
N LYS B 171 35.11 2.89 3.58
CA LYS B 171 33.81 3.49 3.12
C LYS B 171 33.41 4.66 4.01
N PRO B 172 32.92 5.79 3.42
CA PRO B 172 32.70 7.03 4.17
C PRO B 172 31.65 6.77 5.25
N ARG B 173 31.50 7.71 6.19
CA ARG B 173 30.48 7.67 7.29
C ARG B 173 29.39 8.68 6.96
N PRO B 174 28.11 8.31 7.09
CA PRO B 174 27.00 9.24 6.88
C PRO B 174 26.84 10.18 8.07
N PRO B 175 26.64 11.52 7.85
CA PRO B 175 26.51 12.43 8.98
C PRO B 175 25.42 11.94 9.95
N LEU B 176 25.68 12.03 11.26
CA LEU B 176 24.82 11.45 12.34
C LEU B 176 23.89 12.52 12.88
N ASN B 177 22.84 12.81 12.12
CA ASN B 177 21.79 13.81 12.46
C ASN B 177 20.44 13.10 12.38
N ARG B 178 19.33 13.85 12.47
CA ARG B 178 17.95 13.31 12.26
C ARG B 178 17.77 12.89 10.79
N ASN B 179 18.38 13.60 9.83
CA ASN B 179 18.18 13.42 8.36
C ASN B 179 18.33 11.94 7.98
N TYR B 180 19.43 11.31 8.39
CA TYR B 180 19.89 9.98 7.93
C TYR B 180 19.28 8.89 8.81
N VAL B 181 18.23 8.21 8.32
CA VAL B 181 17.52 7.11 9.05
C VAL B 181 18.08 5.76 8.58
N PHE B 182 18.61 4.96 9.52
CA PHE B 182 19.26 3.65 9.29
C PHE B 182 18.32 2.53 9.72
N THR B 183 18.17 1.51 8.87
CA THR B 183 17.46 0.27 9.25
C THR B 183 18.45 -0.58 10.07
N GLY B 184 17.97 -1.09 11.21
CA GLY B 184 18.68 -2.04 12.09
C GLY B 184 18.29 -3.46 11.77
N TYR B 185 19.23 -4.40 11.90
CA TYR B 185 19.13 -5.82 11.46
C TYR B 185 19.77 -6.75 12.51
N GLN B 194 14.84 -7.19 10.70
CA GLN B 194 14.66 -5.72 10.51
C GLN B 194 14.09 -5.14 11.81
N ILE B 195 14.96 -4.88 12.79
CA ILE B 195 14.58 -4.43 14.17
C ILE B 195 14.14 -2.96 14.13
N GLY B 196 13.52 -2.51 13.03
CA GLY B 196 12.95 -1.16 12.88
C GLY B 196 14.01 -0.12 12.53
N GLU B 197 13.57 1.09 12.20
CA GLU B 197 14.42 2.23 11.80
C GLU B 197 15.04 2.86 13.06
N TYR B 198 16.20 3.52 12.91
CA TYR B 198 16.88 4.30 13.98
C TYR B 198 17.57 5.53 13.36
N THR B 199 17.69 6.60 14.16
CA THR B 199 18.53 7.80 13.90
C THR B 199 19.61 7.85 15.00
N PHE B 200 20.65 8.67 14.76
CA PHE B 200 21.84 8.85 15.63
C PHE B 200 22.17 10.34 15.83
N GLU B 201 22.73 10.69 17.00
CA GLU B 201 23.41 11.99 17.31
C GLU B 201 24.65 11.73 18.19
N LYS B 202 25.71 12.55 18.06
CA LYS B 202 26.99 12.38 18.81
C LYS B 202 26.75 12.55 20.33
N ASP B 207 33.29 8.96 21.88
CA ASP B 207 32.86 7.91 20.90
C ASP B 207 31.36 7.58 21.07
N ALA B 208 30.72 8.08 22.15
CA ALA B 208 29.29 7.85 22.46
C ALA B 208 28.40 8.49 21.39
N VAL B 209 27.38 7.75 20.94
CA VAL B 209 26.33 8.23 20.00
C VAL B 209 24.96 8.06 20.65
N VAL B 210 24.06 9.03 20.40
CA VAL B 210 22.65 9.04 20.89
C VAL B 210 21.77 8.35 19.84
N TYR B 211 21.18 7.21 20.19
CA TYR B 211 20.42 6.30 19.28
C TYR B 211 18.92 6.47 19.50
N ARG B 212 18.16 6.67 18.43
CA ARG B 212 16.69 6.88 18.50
C ARG B 212 16.00 5.76 17.72
N GLY B 213 15.39 4.81 18.41
CA GLY B 213 14.68 3.66 17.80
C GLY B 213 13.20 3.93 17.66
N THR B 214 12.67 3.89 16.44
CA THR B 214 11.22 3.96 16.13
C THR B 214 10.52 2.82 16.89
N THR B 215 11.16 1.65 17.00
CA THR B 215 10.77 0.52 17.89
C THR B 215 11.65 0.58 19.14
N THR B 216 11.07 0.42 20.34
CA THR B 216 11.81 0.19 21.62
C THR B 216 12.28 -1.27 21.62
N TYR B 217 13.60 -1.52 21.62
CA TYR B 217 14.19 -2.88 21.47
C TYR B 217 15.54 -2.98 22.20
N LYS B 218 15.67 -4.01 23.06
CA LYS B 218 16.94 -4.42 23.70
C LYS B 218 17.88 -4.89 22.59
N LEU B 219 18.45 -3.94 21.84
CA LEU B 219 19.30 -4.15 20.62
C LEU B 219 20.67 -4.69 21.04
N ASN B 220 21.01 -5.89 20.57
CA ASN B 220 22.21 -6.65 21.00
C ASN B 220 23.44 -6.06 20.30
N VAL B 221 24.62 -6.28 20.88
CA VAL B 221 25.95 -6.08 20.22
C VAL B 221 26.00 -7.03 19.01
N GLY B 222 26.53 -6.56 17.88
CA GLY B 222 26.60 -7.34 16.63
C GLY B 222 25.44 -7.02 15.71
N ASP B 223 24.30 -6.55 16.24
CA ASP B 223 23.25 -5.90 15.41
C ASP B 223 23.91 -4.74 14.67
N TYR B 224 23.55 -4.56 13.41
CA TYR B 224 24.16 -3.57 12.49
C TYR B 224 23.06 -2.72 11.87
N PHE B 225 23.37 -1.45 11.60
CA PHE B 225 22.46 -0.46 10.99
C PHE B 225 22.94 -0.19 9.56
N VAL B 226 22.01 -0.10 8.61
CA VAL B 226 22.27 0.25 7.17
C VAL B 226 21.25 1.29 6.74
N LEU B 227 21.61 2.15 5.77
CA LEU B 227 20.73 3.20 5.22
C LEU B 227 19.71 2.57 4.27
N THR B 228 18.43 2.94 4.42
CA THR B 228 17.26 2.31 3.75
C THR B 228 17.20 2.77 2.29
N SER B 229 17.82 2.01 1.37
CA SER B 229 17.82 2.25 -0.08
C SER B 229 16.54 1.66 -0.72
N HIS B 230 15.49 2.47 -0.88
CA HIS B 230 14.20 2.07 -1.52
C HIS B 230 14.29 2.25 -3.03
N THR B 231 14.05 1.17 -3.79
CA THR B 231 14.05 1.15 -5.27
C THR B 231 13.07 2.21 -5.76
N VAL B 232 13.46 2.89 -6.83
CA VAL B 232 12.78 4.07 -7.44
C VAL B 232 11.83 3.59 -8.52
N MET B 233 10.54 3.53 -8.23
CA MET B 233 9.50 3.22 -9.25
C MET B 233 9.57 4.26 -10.36
N PRO B 234 9.21 3.91 -11.61
CA PRO B 234 9.20 4.86 -12.71
C PRO B 234 8.00 5.80 -12.56
N LEU B 235 8.09 6.98 -13.17
CA LEU B 235 7.04 8.01 -13.11
C LEU B 235 6.25 7.90 -14.41
N SER B 236 5.02 8.38 -14.41
CA SER B 236 4.05 8.35 -15.54
C SER B 236 3.34 9.71 -15.67
N ALA B 237 2.80 10.19 -14.55
CA ALA B 237 1.99 11.43 -14.49
C ALA B 237 2.90 12.64 -14.52
N PRO B 238 2.50 13.74 -15.19
CA PRO B 238 3.29 14.97 -15.18
C PRO B 238 3.43 15.55 -13.76
N THR B 239 4.34 16.50 -13.58
CA THR B 239 4.50 17.23 -12.28
C THR B 239 3.20 18.01 -12.02
N LEU B 240 2.77 18.75 -13.05
CA LEU B 240 1.52 19.54 -13.15
C LEU B 240 0.71 19.00 -14.33
N VAL B 241 -0.55 18.68 -14.09
CA VAL B 241 -1.56 18.46 -15.17
C VAL B 241 -1.68 19.76 -15.96
N PRO B 242 -2.02 19.72 -17.26
CA PRO B 242 -2.04 20.93 -18.08
C PRO B 242 -3.07 21.86 -17.42
N GLN B 243 -2.89 23.18 -17.47
CA GLN B 243 -3.84 24.11 -16.79
C GLN B 243 -5.15 24.10 -17.56
N GLU B 244 -6.29 24.17 -16.84
CA GLU B 244 -7.66 24.34 -17.39
C GLU B 244 -8.36 25.47 -16.62
N HIS B 245 -8.57 26.61 -17.28
CA HIS B 245 -9.40 27.73 -16.79
C HIS B 245 -10.85 27.52 -17.20
N TYR B 246 -11.78 27.79 -16.30
CA TYR B 246 -13.22 27.76 -16.57
C TYR B 246 -13.73 29.21 -16.41
N VAL B 247 -15.03 29.41 -16.70
CA VAL B 247 -15.77 30.71 -16.59
C VAL B 247 -16.77 30.55 -15.45
N ARG B 248 -16.75 29.39 -14.80
CA ARG B 248 -17.77 28.94 -13.85
C ARG B 248 -17.13 27.87 -12.97
N ILE B 249 -17.43 27.92 -11.66
CA ILE B 249 -16.94 26.96 -10.61
C ILE B 249 -17.28 25.54 -11.08
N THR B 250 -16.30 24.88 -11.66
CA THR B 250 -16.44 23.52 -12.27
C THR B 250 -16.39 22.49 -11.12
N GLY B 251 -17.33 21.54 -11.10
CA GLY B 251 -17.23 20.30 -10.30
C GLY B 251 -17.48 20.48 -8.81
N LEU B 252 -17.81 21.69 -8.36
CA LEU B 252 -17.93 21.99 -6.91
C LEU B 252 -19.21 22.81 -6.67
N TYR B 253 -19.73 22.78 -5.42
CA TYR B 253 -21.00 23.45 -5.03
C TYR B 253 -20.78 24.31 -3.79
N PRO B 254 -20.62 25.66 -3.95
CA PRO B 254 -20.32 26.54 -2.83
C PRO B 254 -21.48 26.64 -1.81
N THR B 255 -21.19 27.02 -0.56
CA THR B 255 -22.19 27.42 0.48
C THR B 255 -22.54 28.92 0.36
N LEU B 256 -23.66 29.31 0.97
CA LEU B 256 -24.14 30.72 1.10
C LEU B 256 -24.22 31.04 2.60
N ASN B 257 -23.42 30.34 3.39
CA ASN B 257 -23.52 30.30 4.86
C ASN B 257 -22.13 30.09 5.44
N ILE B 258 -21.10 30.66 4.81
CA ILE B 258 -19.66 30.45 5.22
C ILE B 258 -19.37 31.37 6.40
N SER B 259 -18.85 30.81 7.49
CA SER B 259 -18.56 31.54 8.76
C SER B 259 -17.68 32.75 8.39
N ASP B 260 -17.91 33.91 9.03
CA ASP B 260 -17.16 35.17 8.77
C ASP B 260 -15.65 34.89 8.88
N GLU B 261 -15.26 33.92 9.74
CA GLU B 261 -13.88 33.44 10.01
C GLU B 261 -13.10 33.17 8.71
N PHE B 262 -13.80 32.78 7.62
CA PHE B 262 -13.26 32.34 6.30
C PHE B 262 -13.84 33.19 5.16
N SER B 263 -14.33 34.39 5.46
CA SER B 263 -14.93 35.34 4.49
C SER B 263 -13.85 35.97 3.61
N SER B 264 -12.71 36.32 4.20
CA SER B 264 -11.61 37.03 3.49
C SER B 264 -11.06 36.15 2.37
N ASN B 265 -11.34 34.83 2.41
CA ASN B 265 -10.77 33.80 1.49
C ASN B 265 -11.73 33.40 0.35
N VAL B 266 -12.94 33.97 0.23
CA VAL B 266 -13.99 33.41 -0.66
C VAL B 266 -13.55 33.62 -2.11
N ALA B 267 -13.06 34.80 -2.49
CA ALA B 267 -12.67 35.11 -3.89
C ALA B 267 -11.61 34.10 -4.36
N ASN B 268 -10.70 33.71 -3.46
CA ASN B 268 -9.64 32.70 -3.74
C ASN B 268 -10.29 31.30 -3.85
N TYR B 269 -11.25 31.02 -2.99
CA TYR B 269 -12.06 29.79 -2.99
C TYR B 269 -12.85 29.63 -4.30
N GLN B 270 -13.17 30.73 -4.97
CA GLN B 270 -13.89 30.71 -6.27
C GLN B 270 -12.85 30.56 -7.38
N LYS B 271 -11.66 31.13 -7.20
CA LYS B 271 -10.53 30.94 -8.16
C LYS B 271 -10.17 29.45 -8.18
N VAL B 272 -10.13 28.80 -7.01
CA VAL B 272 -9.77 27.35 -6.87
C VAL B 272 -10.68 26.49 -7.79
N GLY B 273 -11.99 26.77 -7.80
CA GLY B 273 -13.01 25.98 -8.54
C GLY B 273 -13.14 26.43 -9.99
N MET B 274 -12.54 27.57 -10.37
CA MET B 274 -12.56 28.12 -11.74
C MET B 274 -11.22 27.87 -12.45
N GLN B 275 -10.43 26.92 -11.95
CA GLN B 275 -9.11 26.50 -12.51
C GLN B 275 -8.92 25.00 -12.22
N LYS B 276 -8.00 24.33 -12.93
CA LYS B 276 -7.64 22.90 -12.67
C LYS B 276 -6.74 22.85 -11.44
N TYR B 277 -5.57 23.48 -11.52
CA TYR B 277 -4.64 23.63 -10.36
C TYR B 277 -4.58 25.13 -10.03
N SER B 278 -4.22 25.43 -8.78
CA SER B 278 -4.03 26.81 -8.24
C SER B 278 -2.87 26.84 -7.23
N THR B 279 -2.08 27.94 -7.27
CA THR B 279 -0.87 28.20 -6.45
C THR B 279 -1.18 29.27 -5.41
N LEU B 280 -1.00 28.93 -4.14
CA LEU B 280 -1.03 29.91 -3.01
C LEU B 280 0.35 30.02 -2.37
N GLN B 281 0.98 31.20 -2.50
CA GLN B 281 2.17 31.60 -1.71
C GLN B 281 1.68 32.22 -0.41
N GLY B 282 1.94 31.54 0.71
CA GLY B 282 1.63 31.98 2.07
C GLY B 282 2.87 32.09 2.94
N PRO B 283 3.49 33.30 3.02
CA PRO B 283 4.48 33.61 4.05
C PRO B 283 4.08 33.14 5.44
N PRO B 284 5.06 33.01 6.35
CA PRO B 284 4.78 32.48 7.68
C PRO B 284 3.60 33.19 8.37
N GLY B 285 2.72 32.42 9.00
CA GLY B 285 1.66 32.89 9.89
C GLY B 285 0.66 33.75 9.14
N THR B 286 0.41 33.45 7.85
CA THR B 286 -0.46 34.25 6.96
C THR B 286 -1.78 33.52 6.75
N GLY B 287 -1.95 32.33 7.32
CA GLY B 287 -3.22 31.57 7.24
C GLY B 287 -3.30 30.56 6.08
N LYS B 288 -2.22 29.82 5.77
CA LYS B 288 -2.25 28.71 4.78
C LYS B 288 -3.16 27.64 5.37
N SER B 289 -2.76 27.08 6.51
CA SER B 289 -3.53 26.10 7.29
C SER B 289 -5.01 26.50 7.23
N HIS B 290 -5.30 27.76 7.59
CA HIS B 290 -6.65 28.38 7.64
C HIS B 290 -7.31 28.28 6.26
N PHE B 291 -6.58 28.69 5.22
CA PHE B 291 -7.10 28.67 3.83
C PHE B 291 -7.45 27.24 3.40
N ALA B 292 -6.57 26.29 3.65
CA ALA B 292 -6.73 24.92 3.13
C ALA B 292 -8.02 24.30 3.74
N ILE B 293 -8.22 24.45 5.07
CA ILE B 293 -9.40 23.91 5.82
C ILE B 293 -10.63 24.74 5.46
N GLY B 294 -10.45 26.03 5.20
CA GLY B 294 -11.58 26.93 4.87
C GLY B 294 -12.13 26.65 3.49
N LEU B 295 -11.52 25.71 2.79
CA LEU B 295 -11.89 25.33 1.41
C LEU B 295 -12.95 24.24 1.51
N ALA B 296 -12.83 23.39 2.53
CA ALA B 296 -13.75 22.27 2.86
C ALA B 296 -15.08 22.86 3.34
N LEU B 297 -15.01 24.02 4.00
CA LEU B 297 -16.20 24.70 4.56
C LEU B 297 -16.90 25.39 3.38
N TYR B 298 -16.17 26.01 2.46
CA TYR B 298 -16.82 26.73 1.34
C TYR B 298 -17.35 25.74 0.32
N TYR B 299 -16.73 24.57 0.18
CA TYR B 299 -17.20 23.44 -0.68
C TYR B 299 -17.53 22.24 0.20
N PRO B 300 -18.54 22.34 1.10
CA PRO B 300 -18.69 21.41 2.23
C PRO B 300 -19.10 19.97 1.91
N SER B 301 -19.48 19.73 0.64
CA SER B 301 -19.93 18.43 0.05
C SER B 301 -18.73 17.72 -0.55
N ALA B 302 -17.81 18.50 -1.14
CA ALA B 302 -16.58 18.06 -1.84
C ALA B 302 -15.73 17.14 -0.96
N ARG B 303 -15.16 16.10 -1.58
CA ARG B 303 -14.13 15.20 -1.02
C ARG B 303 -12.77 15.87 -1.29
N ILE B 304 -11.99 16.03 -0.23
CA ILE B 304 -10.69 16.76 -0.27
C ILE B 304 -9.62 15.84 0.32
N VAL B 305 -8.55 15.68 -0.45
CA VAL B 305 -7.34 14.95 0.01
C VAL B 305 -6.30 16.02 0.37
N TYR B 306 -5.91 15.96 1.65
CA TYR B 306 -4.89 16.82 2.29
C TYR B 306 -3.60 15.99 2.32
N THR B 307 -2.59 16.46 1.57
CA THR B 307 -1.25 15.81 1.42
C THR B 307 -0.11 16.84 1.64
N ALA B 308 1.01 16.35 2.19
CA ALA B 308 2.35 17.00 2.20
C ALA B 308 3.43 15.91 2.25
N CYS B 309 4.67 16.24 1.92
CA CYS B 309 5.78 15.25 1.90
C CYS B 309 5.99 14.75 3.32
N SER B 310 5.93 15.61 4.34
CA SER B 310 6.31 15.27 5.74
C SER B 310 5.07 14.91 6.56
N HIS B 311 5.24 14.08 7.61
CA HIS B 311 4.15 13.65 8.53
C HIS B 311 3.68 14.86 9.32
N ALA B 312 4.64 15.68 9.78
CA ALA B 312 4.40 16.91 10.57
C ALA B 312 3.41 17.82 9.81
N ALA B 313 3.59 18.01 8.49
CA ALA B 313 2.80 18.98 7.71
C ALA B 313 1.37 18.46 7.52
N VAL B 314 1.22 17.13 7.39
CA VAL B 314 -0.11 16.46 7.24
C VAL B 314 -0.82 16.49 8.60
N ASP B 315 -0.08 16.23 9.69
CA ASP B 315 -0.53 16.38 11.11
C ASP B 315 -0.97 17.82 11.42
N ALA B 316 -0.24 18.83 10.93
CA ALA B 316 -0.60 20.25 11.13
C ALA B 316 -1.99 20.51 10.54
N LEU B 317 -2.29 19.97 9.35
CA LEU B 317 -3.61 20.17 8.66
C LEU B 317 -4.69 19.42 9.44
N CYS B 318 -4.33 18.28 10.07
CA CYS B 318 -5.24 17.44 10.90
C CYS B 318 -5.67 18.25 12.14
N GLU B 319 -4.69 18.82 12.86
CA GLU B 319 -4.93 19.77 13.98
C GLU B 319 -5.91 20.86 13.52
N LYS B 320 -5.54 21.67 12.51
CA LYS B 320 -6.49 22.65 11.93
C LYS B 320 -7.85 21.98 11.71
N ALA B 321 -7.92 20.88 10.96
CA ALA B 321 -9.20 20.24 10.57
C ALA B 321 -9.99 19.83 11.83
N LEU B 322 -9.32 19.27 12.85
CA LEU B 322 -10.00 18.81 14.08
C LEU B 322 -10.89 19.92 14.65
N LYS B 323 -10.50 21.18 14.46
CA LYS B 323 -11.20 22.36 15.03
C LYS B 323 -12.44 22.74 14.19
N TYR B 324 -12.45 22.56 12.87
CA TYR B 324 -13.49 23.14 11.97
C TYR B 324 -14.29 22.10 11.19
N LEU B 325 -13.77 20.87 11.00
CA LEU B 325 -14.40 19.82 10.16
C LEU B 325 -14.88 18.68 11.04
N PRO B 326 -16.04 18.06 10.73
CA PRO B 326 -16.56 16.97 11.57
C PRO B 326 -15.59 15.78 11.64
N ILE B 327 -15.32 15.27 12.85
CA ILE B 327 -14.27 14.25 13.16
C ILE B 327 -14.62 12.87 12.50
N ASP B 328 -15.86 12.66 12.08
CA ASP B 328 -16.41 11.36 11.60
C ASP B 328 -16.15 11.21 10.09
N LYS B 329 -15.90 12.32 9.37
CA LYS B 329 -15.70 12.36 7.89
C LYS B 329 -14.23 12.71 7.56
N CYS B 330 -13.32 12.42 8.50
CA CYS B 330 -11.85 12.66 8.44
C CYS B 330 -11.10 11.35 8.65
N SER B 331 -10.10 11.07 7.84
CA SER B 331 -9.19 9.91 8.05
C SER B 331 -7.74 10.32 7.82
N ARG B 332 -6.91 9.94 8.79
CA ARG B 332 -5.43 10.08 8.78
C ARG B 332 -4.86 8.77 8.25
N ILE B 333 -4.31 8.77 7.03
CA ILE B 333 -3.76 7.55 6.34
C ILE B 333 -2.33 7.37 6.83
N ILE B 334 -2.00 6.18 7.31
CA ILE B 334 -0.69 5.87 7.95
C ILE B 334 -0.13 4.62 7.30
N PRO B 335 1.07 4.65 6.69
CA PRO B 335 1.68 3.46 6.11
C PRO B 335 1.76 2.33 7.16
N ALA B 336 1.48 1.09 6.73
CA ALA B 336 1.41 -0.12 7.57
C ALA B 336 2.76 -0.32 8.28
N ARG B 337 3.85 0.19 7.68
CA ARG B 337 5.21 0.33 8.27
C ARG B 337 5.36 1.75 8.81
N ALA B 338 4.64 2.06 9.89
CA ALA B 338 4.60 3.37 10.59
C ALA B 338 6.01 3.70 11.11
N ARG B 339 6.49 4.92 10.83
CA ARG B 339 7.89 5.36 11.07
C ARG B 339 7.94 6.43 12.19
N VAL B 340 6.81 7.07 12.51
CA VAL B 340 6.69 8.18 13.51
C VAL B 340 5.36 8.03 14.27
N GLU B 341 5.17 8.81 15.36
CA GLU B 341 3.85 9.03 16.02
C GLU B 341 3.15 10.18 15.28
N CYS B 342 1.92 9.93 14.81
CA CYS B 342 1.07 10.86 14.02
C CYS B 342 -0.07 11.39 14.88
N PHE B 343 -0.94 12.14 14.24
CA PHE B 343 -2.31 12.47 14.69
C PHE B 343 -3.09 11.17 14.95
N ASP B 344 -3.52 10.94 16.19
CA ASP B 344 -4.32 9.74 16.61
C ASP B 344 -5.82 10.10 16.73
N LYS B 345 -6.23 11.36 16.57
CA LYS B 345 -7.61 11.80 16.90
C LYS B 345 -8.58 11.47 15.77
N PHE B 346 -8.12 10.94 14.62
CA PHE B 346 -9.01 10.56 13.48
C PHE B 346 -9.11 9.04 13.35
N LYS B 347 -10.18 8.55 12.67
CA LYS B 347 -10.25 7.16 12.12
C LYS B 347 -9.04 6.96 11.20
N VAL B 348 -8.20 5.98 11.51
CA VAL B 348 -6.96 5.65 10.75
C VAL B 348 -7.31 4.74 9.57
N ASN B 349 -6.82 5.08 8.37
CA ASN B 349 -6.72 4.21 7.17
C ASN B 349 -8.11 3.95 6.55
N SER B 350 -9.08 4.82 6.84
CA SER B 350 -10.42 4.83 6.19
C SER B 350 -10.37 5.72 4.92
N THR B 351 -9.56 5.32 3.96
CA THR B 351 -9.37 5.90 2.60
C THR B 351 -10.62 6.58 2.02
N LEU B 352 -11.84 6.21 2.43
CA LEU B 352 -13.04 6.65 1.68
C LEU B 352 -13.82 7.73 2.44
N GLU B 353 -13.29 8.22 3.57
CA GLU B 353 -13.86 9.41 4.28
C GLU B 353 -13.78 10.61 3.31
N GLN B 354 -14.66 11.60 3.45
CA GLN B 354 -14.67 12.84 2.62
C GLN B 354 -13.33 13.59 2.78
N TYR B 355 -12.74 13.54 3.99
CA TYR B 355 -11.48 14.23 4.38
C TYR B 355 -10.42 13.18 4.69
N VAL B 356 -9.35 13.18 3.88
CA VAL B 356 -8.24 12.21 3.88
C VAL B 356 -6.92 12.98 4.03
N PHE B 357 -6.16 12.68 5.07
CA PHE B 357 -4.91 13.39 5.41
C PHE B 357 -3.78 12.39 5.29
N CYS B 358 -2.95 12.57 4.27
CA CYS B 358 -1.90 11.59 3.92
C CYS B 358 -0.63 12.27 3.39
N THR B 359 0.53 11.82 3.89
CA THR B 359 1.88 12.01 3.26
C THR B 359 1.84 11.52 1.80
N VAL B 360 2.65 12.13 0.92
CA VAL B 360 2.74 11.80 -0.53
C VAL B 360 3.08 10.32 -0.71
N ASN B 361 4.08 9.83 0.00
CA ASN B 361 4.62 8.48 -0.28
C ASN B 361 3.69 7.41 0.29
N ALA B 362 2.47 7.76 0.78
CA ALA B 362 1.46 6.79 1.30
C ALA B 362 0.10 6.97 0.61
N LEU B 363 -0.02 7.98 -0.25
CA LEU B 363 -1.30 8.24 -0.95
C LEU B 363 -1.81 6.94 -1.56
N PRO B 364 -3.09 6.58 -1.31
CA PRO B 364 -3.71 5.52 -2.09
C PRO B 364 -4.03 6.00 -3.53
N GLU B 365 -4.33 5.06 -4.40
CA GLU B 365 -4.95 5.37 -5.70
C GLU B 365 -6.42 5.69 -5.40
N THR B 366 -6.83 6.94 -5.61
CA THR B 366 -8.23 7.38 -5.38
C THR B 366 -8.53 8.65 -6.20
N THR B 367 -9.75 9.14 -6.08
CA THR B 367 -10.23 10.34 -6.79
C THR B 367 -10.56 11.36 -5.73
N ALA B 368 -10.77 12.61 -6.16
CA ALA B 368 -11.10 13.75 -5.28
C ALA B 368 -11.58 14.94 -6.10
N ASP B 369 -12.48 15.73 -5.51
CA ASP B 369 -13.00 17.00 -6.07
C ASP B 369 -11.86 18.03 -5.95
N ILE B 370 -11.20 18.01 -4.80
CA ILE B 370 -10.07 18.92 -4.45
C ILE B 370 -8.95 18.08 -3.84
N VAL B 371 -7.72 18.32 -4.31
CA VAL B 371 -6.44 17.90 -3.66
C VAL B 371 -5.75 19.17 -3.16
N VAL B 372 -5.39 19.15 -1.87
CA VAL B 372 -4.52 20.21 -1.26
C VAL B 372 -3.16 19.57 -0.98
N PHE B 373 -2.15 20.04 -1.70
CA PHE B 373 -0.72 19.73 -1.48
C PHE B 373 -0.07 20.92 -0.75
N ASP B 374 0.25 20.72 0.52
CA ASP B 374 0.80 21.78 1.42
C ASP B 374 2.34 21.66 1.45
N GLU B 375 3.01 22.72 1.90
CA GLU B 375 4.48 22.78 2.16
C GLU B 375 5.18 22.55 0.81
N ILE B 376 4.71 23.28 -0.21
CA ILE B 376 5.06 22.96 -1.61
C ILE B 376 6.54 23.21 -1.81
N SER B 377 7.17 23.97 -0.94
CA SER B 377 8.60 24.27 -1.10
C SER B 377 9.40 23.00 -0.80
N MET B 378 8.97 22.16 0.16
CA MET B 378 9.66 20.88 0.48
C MET B 378 9.48 19.80 -0.62
N ALA B 379 8.57 19.94 -1.58
CA ALA B 379 8.23 18.88 -2.57
C ALA B 379 9.29 18.88 -3.69
N THR B 380 9.66 17.66 -4.14
CA THR B 380 10.46 17.39 -5.37
C THR B 380 9.50 17.22 -6.55
N ASN B 381 9.99 17.35 -7.78
CA ASN B 381 9.22 17.03 -9.01
C ASN B 381 8.70 15.58 -8.96
N TYR B 382 9.53 14.63 -8.50
CA TYR B 382 9.11 13.25 -8.19
C TYR B 382 7.82 13.27 -7.39
N ASP B 383 7.82 13.99 -6.27
CA ASP B 383 6.64 14.12 -5.36
C ASP B 383 5.45 14.66 -6.16
N LEU B 384 5.63 15.67 -7.02
CA LEU B 384 4.54 16.27 -7.82
C LEU B 384 3.99 15.25 -8.83
N SER B 385 4.87 14.42 -9.40
CA SER B 385 4.46 13.29 -10.27
C SER B 385 3.63 12.30 -9.45
N VAL B 386 4.15 11.78 -8.33
CA VAL B 386 3.46 10.68 -7.62
C VAL B 386 2.02 11.09 -7.35
N VAL B 387 1.82 12.36 -7.01
CA VAL B 387 0.50 12.93 -6.58
C VAL B 387 -0.42 12.82 -7.79
N ASN B 388 -0.09 13.47 -8.91
CA ASN B 388 -0.87 13.38 -10.19
C ASN B 388 -1.12 11.90 -10.59
N ALA B 389 -0.19 10.98 -10.31
CA ALA B 389 -0.30 9.54 -10.66
C ALA B 389 -1.30 8.84 -9.74
N ARG B 390 -1.36 9.18 -8.46
CA ARG B 390 -2.20 8.45 -7.47
C ARG B 390 -3.59 9.09 -7.31
N LEU B 391 -3.73 10.39 -7.57
CA LEU B 391 -4.97 11.17 -7.26
C LEU B 391 -5.51 11.80 -8.55
N ARG B 392 -6.63 11.25 -9.06
CA ARG B 392 -7.51 11.88 -10.10
C ARG B 392 -8.48 12.82 -9.39
N ALA B 393 -8.42 14.12 -9.72
CA ALA B 393 -9.07 15.20 -8.95
C ALA B 393 -9.54 16.33 -9.86
N LYS B 394 -10.65 16.98 -9.50
CA LYS B 394 -11.28 18.08 -10.27
C LYS B 394 -10.38 19.32 -10.20
N HIS B 395 -9.87 19.60 -8.98
CA HIS B 395 -9.00 20.75 -8.64
C HIS B 395 -7.84 20.33 -7.73
N TYR B 396 -6.62 20.73 -8.13
CA TYR B 396 -5.35 20.59 -7.37
C TYR B 396 -4.98 21.96 -6.77
N VAL B 397 -4.79 22.01 -5.45
CA VAL B 397 -4.34 23.28 -4.80
C VAL B 397 -2.96 23.06 -4.21
N TYR B 398 -2.02 23.93 -4.60
CA TYR B 398 -0.58 23.92 -4.19
C TYR B 398 -0.31 25.11 -3.25
N ILE B 399 -0.12 24.77 -1.98
CA ILE B 399 0.09 25.71 -0.84
C ILE B 399 1.52 25.55 -0.27
N GLY B 400 2.31 26.61 -0.37
CA GLY B 400 3.50 26.84 0.48
C GLY B 400 4.15 28.16 0.13
N ASP B 401 5.47 28.26 0.19
CA ASP B 401 6.19 29.54 0.06
C ASP B 401 7.58 29.25 -0.49
N PRO B 402 7.92 29.78 -1.69
CA PRO B 402 9.27 29.61 -2.23
C PRO B 402 10.38 30.32 -1.45
N ALA B 403 10.01 31.18 -0.49
CA ALA B 403 11.00 31.86 0.38
C ALA B 403 11.17 31.01 1.65
N GLN B 404 10.58 29.83 1.71
CA GLN B 404 10.93 28.87 2.78
C GLN B 404 11.86 27.79 2.20
N LEU B 405 12.05 26.73 2.98
CA LEU B 405 13.14 25.75 2.76
C LEU B 405 12.71 24.67 1.78
N PRO B 406 13.61 24.27 0.85
CA PRO B 406 13.39 23.12 -0.03
C PRO B 406 13.79 21.82 0.68
N ALA B 407 13.39 20.69 0.10
CA ALA B 407 13.89 19.34 0.46
C ALA B 407 15.40 19.31 0.29
N PRO B 408 16.13 18.69 1.23
CA PRO B 408 17.58 18.59 1.08
C PRO B 408 17.89 17.75 -0.17
N ARG B 409 18.74 18.27 -1.07
CA ARG B 409 19.43 17.51 -2.17
C ARG B 409 20.76 16.92 -1.63
N THR B 410 20.72 15.72 -1.06
CA THR B 410 21.92 15.11 -0.42
C THR B 410 23.08 15.05 -1.40
N LEU B 411 22.83 14.99 -2.73
CA LEU B 411 23.91 14.91 -3.74
C LEU B 411 24.49 16.28 -4.05
N LEU B 412 23.69 17.34 -4.00
CA LEU B 412 24.15 18.69 -4.41
C LEU B 412 25.17 19.24 -3.41
N THR B 413 26.41 19.45 -3.87
CA THR B 413 27.53 20.05 -3.10
C THR B 413 28.00 21.32 -3.77
N LYS B 414 27.79 21.48 -5.07
CA LYS B 414 28.34 22.64 -5.81
C LYS B 414 27.21 23.54 -6.32
N GLY B 415 27.17 24.79 -5.85
CA GLY B 415 26.17 25.80 -6.24
C GLY B 415 25.00 25.82 -5.27
N THR B 416 24.22 26.89 -5.35
CA THR B 416 23.02 27.11 -4.51
C THR B 416 21.79 27.04 -5.41
N LEU B 417 20.87 26.20 -4.99
CA LEU B 417 19.57 25.93 -5.63
C LEU B 417 18.60 27.07 -5.30
N GLU B 418 18.39 27.99 -6.23
CA GLU B 418 17.47 29.14 -6.05
C GLU B 418 16.04 28.61 -5.93
N PRO B 419 15.09 29.36 -5.28
CA PRO B 419 13.69 28.93 -5.14
C PRO B 419 12.92 28.56 -6.42
N GLU B 420 13.24 29.22 -7.55
CA GLU B 420 12.61 29.01 -8.86
C GLU B 420 12.96 27.64 -9.46
N TYR B 421 13.84 26.88 -8.82
CA TYR B 421 14.29 25.54 -9.28
C TYR B 421 13.93 24.47 -8.25
N PHE B 422 13.12 24.83 -7.23
CA PHE B 422 12.77 23.90 -6.11
C PHE B 422 11.93 22.77 -6.70
N ASN B 423 10.95 23.13 -7.53
CA ASN B 423 10.00 22.22 -8.22
C ASN B 423 9.24 23.09 -9.24
N SER B 424 8.31 22.49 -10.01
CA SER B 424 7.54 23.17 -11.09
C SER B 424 6.63 24.28 -10.50
N VAL B 425 6.04 24.01 -9.33
CA VAL B 425 5.10 24.91 -8.61
C VAL B 425 5.88 26.18 -8.18
N CYS B 426 7.02 26.00 -7.50
CA CYS B 426 7.87 27.14 -7.06
C CYS B 426 8.39 27.84 -8.31
N ARG B 427 8.72 27.09 -9.35
CA ARG B 427 9.15 27.77 -10.60
C ARG B 427 8.03 28.72 -11.02
N LEU B 428 6.82 28.21 -11.15
CA LEU B 428 5.69 29.06 -11.64
C LEU B 428 5.55 30.24 -10.68
N MET B 429 5.50 29.97 -9.37
CA MET B 429 5.42 31.02 -8.32
C MET B 429 6.47 32.11 -8.58
N LYS B 430 7.71 31.75 -8.89
CA LYS B 430 8.80 32.74 -8.98
C LYS B 430 8.86 33.44 -10.35
N THR B 431 8.05 33.04 -11.33
CA THR B 431 8.26 33.45 -12.76
C THR B 431 7.05 34.23 -13.28
N ILE B 432 5.85 33.64 -13.14
CA ILE B 432 4.55 34.27 -13.53
C ILE B 432 3.85 34.76 -12.24
N GLY B 433 4.36 34.37 -11.07
CA GLY B 433 3.75 34.74 -9.78
C GLY B 433 2.76 33.66 -9.34
N PRO B 434 2.42 33.61 -8.05
CA PRO B 434 1.45 32.62 -7.57
C PRO B 434 0.04 33.08 -7.99
N ASP B 435 -0.94 32.18 -7.96
CA ASP B 435 -2.35 32.55 -8.29
C ASP B 435 -2.88 33.51 -7.20
N MET B 436 -2.46 33.25 -5.96
CA MET B 436 -3.04 33.88 -4.76
C MET B 436 -1.89 34.10 -3.78
N PHE B 437 -1.87 35.24 -3.08
CA PHE B 437 -0.83 35.58 -2.07
C PHE B 437 -1.50 35.98 -0.76
N LEU B 438 -1.26 35.25 0.32
CA LEU B 438 -1.61 35.72 1.70
C LEU B 438 -0.61 36.81 2.12
N GLY B 439 -1.07 38.04 2.28
CA GLY B 439 -0.21 39.25 2.32
C GLY B 439 -0.01 39.85 3.71
N THR B 440 -0.61 39.30 4.77
CA THR B 440 -0.44 39.86 6.12
C THR B 440 -0.08 38.73 7.07
N CYS B 441 1.12 38.82 7.64
CA CYS B 441 1.59 37.93 8.75
C CYS B 441 0.87 38.32 10.04
N ARG B 442 0.16 37.40 10.68
CA ARG B 442 -0.51 37.60 11.98
C ARG B 442 0.20 36.75 13.04
N ARG B 443 1.48 36.45 12.85
CA ARG B 443 2.25 35.69 13.86
C ARG B 443 3.33 36.58 14.50
N CYS B 444 4.05 37.38 13.72
CA CYS B 444 5.40 37.86 14.12
C CYS B 444 5.36 39.34 14.46
N PRO B 445 6.07 39.75 15.53
CA PRO B 445 6.30 41.16 15.80
C PRO B 445 6.78 41.88 14.54
N ALA B 446 6.37 43.12 14.35
CA ALA B 446 6.60 43.89 13.11
C ALA B 446 8.08 43.88 12.72
N GLU B 447 8.95 43.85 13.73
CA GLU B 447 10.42 43.88 13.51
C GLU B 447 10.80 42.74 12.55
N ILE B 448 10.40 41.53 12.88
CA ILE B 448 10.60 40.31 12.04
C ILE B 448 9.84 40.47 10.73
N VAL B 449 8.58 40.87 10.80
CA VAL B 449 7.76 40.98 9.56
C VAL B 449 8.44 41.99 8.61
N ASP B 450 8.92 43.13 9.12
CA ASP B 450 9.49 44.20 8.25
C ASP B 450 10.80 43.68 7.68
N THR B 451 11.51 42.82 8.42
CA THR B 451 12.84 42.31 8.00
C THR B 451 12.66 41.40 6.78
N VAL B 452 11.81 40.39 6.94
CA VAL B 452 11.62 39.35 5.89
C VAL B 452 10.87 39.95 4.71
N SER B 453 9.97 40.91 4.96
CA SER B 453 9.18 41.56 3.89
C SER B 453 10.17 42.14 2.90
N ALA B 454 11.21 42.79 3.40
CA ALA B 454 12.24 43.43 2.57
C ALA B 454 13.22 42.39 1.98
N LEU B 455 13.45 41.26 2.65
CA LEU B 455 14.53 40.28 2.30
C LEU B 455 14.11 39.42 1.11
N VAL B 456 12.89 38.84 1.18
CA VAL B 456 12.44 37.71 0.32
C VAL B 456 11.04 37.93 -0.26
N TYR B 457 10.34 39.03 0.05
CA TYR B 457 8.93 39.20 -0.36
C TYR B 457 8.71 40.52 -1.09
N ASP B 458 9.74 41.10 -1.71
CA ASP B 458 9.66 42.41 -2.39
C ASP B 458 8.66 43.31 -1.64
N ASN B 459 8.81 43.40 -0.32
CA ASN B 459 8.09 44.37 0.53
C ASN B 459 6.58 44.16 0.46
N LYS B 460 6.11 43.01 -0.01
CA LYS B 460 4.65 42.76 -0.19
C LYS B 460 4.05 42.07 1.05
N LEU B 461 4.85 41.75 2.08
CA LEU B 461 4.31 41.09 3.30
C LEU B 461 4.11 42.16 4.38
N LYS B 462 2.89 42.24 4.89
CA LYS B 462 2.44 43.30 5.82
C LYS B 462 2.28 42.69 7.21
N ALA B 463 2.48 43.55 8.21
CA ALA B 463 2.57 43.22 9.65
C ALA B 463 1.23 43.50 10.28
N HIS B 464 0.62 42.52 10.89
CA HIS B 464 -0.66 42.74 11.58
C HIS B 464 -0.36 43.21 12.99
N LYS B 465 0.68 42.66 13.62
CA LYS B 465 1.08 42.96 15.02
C LYS B 465 1.93 44.23 15.05
N ASP B 466 2.02 44.82 16.24
CA ASP B 466 2.91 45.98 16.53
C ASP B 466 4.31 45.38 16.63
N LYS B 467 5.36 46.21 16.48
CA LYS B 467 6.70 45.94 17.05
C LYS B 467 6.49 45.40 18.48
N SER B 468 7.23 44.40 18.92
CA SER B 468 7.12 43.85 20.29
C SER B 468 8.06 44.60 21.23
N ALA B 469 9.10 45.26 20.71
CA ALA B 469 10.30 45.69 21.48
C ALA B 469 10.89 44.52 22.30
N GLN B 470 10.86 43.30 21.75
CA GLN B 470 11.46 42.09 22.35
C GLN B 470 12.23 41.29 21.27
N CYS B 471 12.77 42.01 20.29
CA CYS B 471 13.46 41.47 19.12
C CYS B 471 14.84 42.12 19.11
N PHE B 472 15.85 41.36 19.51
CA PHE B 472 17.26 41.79 19.72
C PHE B 472 18.16 41.06 18.72
N LYS B 473 19.17 41.76 18.25
CA LYS B 473 20.22 41.21 17.41
C LYS B 473 21.54 41.48 18.14
N MET B 474 22.56 40.66 17.93
CA MET B 474 23.89 40.91 18.54
C MET B 474 24.89 40.32 17.59
N PHE B 475 25.86 41.11 17.14
CA PHE B 475 26.89 40.69 16.18
C PHE B 475 28.05 40.13 17.00
N TYR B 476 28.21 38.82 17.04
CA TYR B 476 29.23 38.13 17.89
C TYR B 476 29.75 36.89 17.15
N LYS B 477 30.88 37.02 16.44
CA LYS B 477 31.41 35.93 15.58
C LYS B 477 31.85 34.74 16.46
N GLY B 478 32.42 34.97 17.62
CA GLY B 478 32.65 33.86 18.55
C GLY B 478 33.79 33.00 18.08
N VAL B 479 33.64 31.68 18.20
CA VAL B 479 34.69 30.71 17.78
C VAL B 479 33.98 29.47 17.25
N ILE B 480 34.31 29.11 16.02
CA ILE B 480 33.60 28.01 15.31
C ILE B 480 34.46 26.77 15.49
N THR B 481 33.85 25.74 16.05
CA THR B 481 34.47 24.39 16.16
C THR B 481 33.58 23.53 15.30
N HIS B 482 34.04 22.34 14.94
CA HIS B 482 33.25 21.42 14.09
C HIS B 482 33.23 20.03 14.72
N ASP B 483 32.06 19.41 14.79
CA ASP B 483 31.90 17.96 15.03
C ASP B 483 31.78 17.34 13.65
N VAL B 484 32.92 17.00 13.06
CA VAL B 484 33.08 16.59 11.63
C VAL B 484 32.92 17.85 10.76
N SER B 485 31.77 18.02 10.10
CA SER B 485 31.42 19.20 9.28
C SER B 485 30.36 20.06 9.98
N SER B 486 29.60 19.45 10.92
CA SER B 486 28.58 20.16 11.71
C SER B 486 29.27 21.20 12.63
N ALA B 487 28.93 22.48 12.46
CA ALA B 487 29.56 23.64 13.14
C ALA B 487 29.04 23.74 14.60
N ILE B 488 29.89 24.26 15.47
CA ILE B 488 29.54 24.64 16.88
C ILE B 488 30.16 26.01 17.17
N ASN B 489 29.50 26.81 17.99
CA ASN B 489 30.03 28.12 18.46
C ASN B 489 29.74 28.29 19.97
N ARG B 490 30.62 27.81 20.84
CA ARG B 490 30.43 27.86 22.32
C ARG B 490 30.32 29.30 22.78
N PRO B 491 31.18 30.24 22.33
CA PRO B 491 31.06 31.63 22.79
C PRO B 491 29.67 32.23 22.50
N GLN B 492 29.01 31.79 21.41
CA GLN B 492 27.66 32.29 21.02
C GLN B 492 26.64 31.69 21.96
N ILE B 493 26.79 30.42 22.30
CA ILE B 493 25.97 29.82 23.40
C ILE B 493 26.28 30.55 24.73
N GLY B 494 27.50 31.06 24.90
CA GLY B 494 27.95 31.68 26.16
C GLY B 494 27.22 32.99 26.40
N VAL B 495 27.32 33.90 25.43
CA VAL B 495 26.51 35.15 25.29
C VAL B 495 25.02 34.85 25.61
N VAL B 496 24.49 33.70 25.18
CA VAL B 496 23.04 33.37 25.35
C VAL B 496 22.81 33.04 26.82
N ARG B 497 23.65 32.23 27.44
CA ARG B 497 23.55 31.95 28.89
C ARG B 497 23.58 33.28 29.66
N GLU B 498 24.37 34.25 29.24
CA GLU B 498 24.53 35.56 29.93
C GLU B 498 23.22 36.33 29.81
N PHE B 499 22.64 36.32 28.60
CA PHE B 499 21.33 36.94 28.28
C PHE B 499 20.20 36.35 29.14
N LEU B 500 20.18 35.03 29.31
CA LEU B 500 19.09 34.34 30.05
C LEU B 500 19.04 34.79 31.53
N THR B 501 20.19 35.02 32.16
CA THR B 501 20.23 35.44 33.59
C THR B 501 19.48 36.77 33.70
N ARG B 502 19.71 37.71 32.77
CA ARG B 502 19.20 39.10 32.81
C ARG B 502 17.79 39.19 32.22
N ASN B 503 17.28 38.11 31.65
CA ASN B 503 16.05 38.19 30.83
C ASN B 503 15.20 36.94 31.09
N PRO B 504 14.84 36.66 32.36
CA PRO B 504 14.37 35.32 32.75
C PRO B 504 13.03 34.95 32.10
N ALA B 505 12.37 35.90 31.43
CA ALA B 505 11.15 35.71 30.59
C ALA B 505 11.45 34.84 29.35
N TRP B 506 12.73 34.72 28.97
CA TRP B 506 13.20 33.94 27.80
C TRP B 506 13.53 32.50 28.22
N ARG B 507 13.35 32.18 29.51
CA ARG B 507 13.73 30.85 30.03
C ARG B 507 12.92 29.76 29.34
N LYS B 508 11.77 30.13 28.79
CA LYS B 508 10.84 29.20 28.11
C LYS B 508 11.20 29.11 26.62
N ALA B 509 12.11 29.96 26.12
CA ALA B 509 12.46 30.12 24.68
C ALA B 509 12.90 28.78 24.08
N VAL B 510 12.64 28.61 22.80
CA VAL B 510 13.22 27.54 21.96
C VAL B 510 14.53 28.08 21.41
N PHE B 511 15.64 27.35 21.60
CA PHE B 511 16.96 27.61 20.95
C PHE B 511 16.96 26.99 19.54
N ILE B 512 17.43 27.74 18.55
CA ILE B 512 17.38 27.39 17.11
C ILE B 512 18.69 27.81 16.45
N SER B 513 19.32 26.89 15.71
CA SER B 513 20.58 27.12 14.95
C SER B 513 20.48 26.39 13.63
N PRO B 514 21.38 26.72 12.68
CA PRO B 514 21.48 25.96 11.45
C PRO B 514 22.24 24.63 11.61
N TYR B 515 22.66 24.24 12.83
CA TYR B 515 23.53 23.06 13.05
C TYR B 515 23.10 22.22 14.25
N ASN B 516 22.93 20.91 14.03
CA ASN B 516 22.54 19.92 15.07
C ASN B 516 23.56 19.94 16.20
N SER B 517 24.82 20.02 15.84
CA SER B 517 25.95 19.95 16.80
C SER B 517 25.84 21.15 17.75
N GLN B 518 25.73 22.38 17.22
CA GLN B 518 25.46 23.61 18.02
C GLN B 518 24.28 23.39 18.98
N ASN B 519 23.18 22.82 18.48
CA ASN B 519 21.94 22.56 19.25
C ASN B 519 22.24 21.55 20.37
N ALA B 520 23.08 20.55 20.11
CA ALA B 520 23.45 19.49 21.07
C ALA B 520 24.16 20.14 22.25
N VAL B 521 25.06 21.07 21.98
CA VAL B 521 25.79 21.84 23.02
C VAL B 521 24.83 22.81 23.73
N ALA B 522 24.03 23.58 23.00
CA ALA B 522 23.09 24.56 23.59
C ALA B 522 22.08 23.82 24.48
N SER B 523 21.72 22.59 24.15
CA SER B 523 20.87 21.77 25.03
C SER B 523 21.59 21.57 26.37
N LYS B 524 22.80 21.01 26.37
CA LYS B 524 23.55 20.68 27.61
C LYS B 524 23.77 21.96 28.43
N ILE B 525 24.14 23.07 27.79
CA ILE B 525 24.56 24.31 28.54
C ILE B 525 23.33 25.10 29.01
N LEU B 526 22.31 25.26 28.16
CA LEU B 526 21.16 26.18 28.37
C LEU B 526 19.96 25.44 28.97
N GLY B 527 19.80 24.15 28.65
CA GLY B 527 18.62 23.37 29.03
C GLY B 527 17.38 23.70 28.21
N LEU B 528 17.48 24.53 27.16
CA LEU B 528 16.30 24.97 26.38
C LEU B 528 15.95 23.84 25.42
N PRO B 529 14.67 23.71 25.03
CA PRO B 529 14.31 22.82 23.92
C PRO B 529 15.02 23.35 22.67
N THR B 530 15.22 22.49 21.69
CA THR B 530 16.25 22.69 20.63
C THR B 530 15.65 22.33 19.28
N GLN B 531 15.97 23.05 18.23
CA GLN B 531 15.31 22.86 16.92
C GLN B 531 16.22 23.42 15.84
N THR B 532 16.61 22.62 14.83
CA THR B 532 17.35 23.16 13.65
C THR B 532 16.41 24.11 12.92
N VAL B 533 16.91 25.10 12.20
CA VAL B 533 16.02 25.94 11.36
C VAL B 533 15.13 25.04 10.48
N ASP B 534 15.68 24.03 9.84
CA ASP B 534 14.96 23.16 8.87
C ASP B 534 13.83 22.44 9.62
N SER B 535 14.07 21.73 10.73
CA SER B 535 12.96 21.10 11.53
C SER B 535 11.97 22.13 12.15
N SER B 536 12.35 23.40 12.41
CA SER B 536 11.46 24.43 13.03
C SER B 536 10.33 24.83 12.06
N GLN B 537 10.59 24.78 10.74
CA GLN B 537 9.70 25.24 9.64
C GLN B 537 8.28 24.73 9.88
N GLY B 538 7.29 25.61 9.84
CA GLY B 538 5.87 25.31 10.10
C GLY B 538 5.47 25.43 11.56
N SER B 539 6.42 25.44 12.51
CA SER B 539 6.16 25.63 13.96
C SER B 539 6.31 27.10 14.36
N GLU B 540 5.68 27.48 15.47
CA GLU B 540 5.76 28.83 16.07
C GLU B 540 5.97 28.70 17.59
N TYR B 541 6.73 29.62 18.16
CA TYR B 541 7.02 29.70 19.62
C TYR B 541 7.02 31.15 20.05
N ASP B 542 6.67 31.39 21.33
CA ASP B 542 6.50 32.76 21.89
C ASP B 542 7.82 33.49 21.75
N TYR B 543 8.89 32.81 22.09
CA TYR B 543 10.28 33.32 22.09
C TYR B 543 11.18 32.31 21.38
N VAL B 544 12.19 32.85 20.70
CA VAL B 544 13.16 32.05 19.90
C VAL B 544 14.51 32.66 20.22
N ILE B 545 15.51 31.83 20.52
CA ILE B 545 16.94 32.29 20.47
C ILE B 545 17.55 31.63 19.24
N PHE B 546 18.25 32.41 18.43
CA PHE B 546 18.90 31.96 17.19
C PHE B 546 20.37 32.36 17.25
N THR B 547 21.27 31.39 17.18
CA THR B 547 22.75 31.58 17.02
C THR B 547 23.08 31.18 15.60
N GLN B 548 23.52 32.08 14.76
CA GLN B 548 23.76 31.75 13.32
C GLN B 548 24.91 30.73 13.27
N THR B 549 25.76 30.72 14.29
CA THR B 549 26.83 29.70 14.52
C THR B 549 28.05 29.98 13.63
N THR B 550 27.84 30.07 12.30
CA THR B 550 28.92 30.35 11.32
C THR B 550 28.47 31.38 10.28
N GLU B 551 29.41 31.83 9.46
CA GLU B 551 29.19 32.52 8.18
C GLU B 551 29.50 31.54 7.06
N THR B 552 28.54 30.69 6.72
CA THR B 552 28.61 29.79 5.55
C THR B 552 27.41 30.11 4.66
N ALA B 553 27.33 29.48 3.49
CA ALA B 553 26.16 29.64 2.60
C ALA B 553 24.95 28.97 3.26
N HIS B 554 25.17 27.94 4.07
CA HIS B 554 24.10 27.25 4.84
C HIS B 554 23.44 28.26 5.78
N SER B 555 24.26 28.96 6.55
CA SER B 555 23.81 29.74 7.72
C SER B 555 23.39 31.12 7.23
N CYS B 556 23.79 31.52 6.01
CA CYS B 556 23.37 32.82 5.46
C CYS B 556 22.32 32.64 4.40
N ASN B 557 21.91 31.41 4.12
CA ASN B 557 20.82 31.21 3.15
C ASN B 557 19.64 32.08 3.63
N VAL B 558 19.18 33.01 2.79
CA VAL B 558 18.10 33.98 3.11
C VAL B 558 16.83 33.21 3.42
N ASN B 559 16.61 32.06 2.77
CA ASN B 559 15.35 31.31 2.95
C ASN B 559 15.39 30.67 4.34
N ARG B 560 16.54 30.15 4.75
CA ARG B 560 16.70 29.48 6.06
C ARG B 560 16.56 30.59 7.10
N PHE B 561 17.18 31.75 6.84
CA PHE B 561 17.12 32.92 7.75
C PHE B 561 15.67 33.37 7.98
N ASN B 562 14.95 33.55 6.88
CA ASN B 562 13.51 33.89 6.84
C ASN B 562 12.75 32.95 7.79
N VAL B 563 12.95 31.64 7.65
CA VAL B 563 12.26 30.67 8.54
C VAL B 563 12.74 30.83 9.99
N ALA B 564 14.05 30.94 10.20
CA ALA B 564 14.66 31.05 11.55
C ALA B 564 13.90 32.08 12.37
N ILE B 565 13.72 33.29 11.82
CA ILE B 565 13.25 34.48 12.58
C ILE B 565 11.72 34.56 12.59
N THR B 566 11.04 33.86 11.67
CA THR B 566 9.55 33.91 11.51
C THR B 566 8.93 32.79 12.33
N ARG B 567 9.65 32.11 13.20
CA ARG B 567 9.00 31.17 14.16
C ARG B 567 8.40 31.91 15.35
N ALA B 568 8.89 33.12 15.63
CA ALA B 568 8.64 33.86 16.89
C ALA B 568 7.31 34.61 16.85
N LYS B 569 6.54 34.47 17.94
CA LYS B 569 5.28 35.22 18.17
C LYS B 569 5.54 36.53 18.91
N VAL B 570 6.53 36.58 19.81
CA VAL B 570 6.64 37.64 20.85
C VAL B 570 8.03 38.27 20.83
N GLY B 571 9.07 37.46 21.02
CA GLY B 571 10.46 37.92 21.01
C GLY B 571 11.41 36.97 20.29
N ILE B 572 12.54 37.50 19.86
CA ILE B 572 13.64 36.72 19.27
C ILE B 572 14.93 37.41 19.68
N LEU B 573 15.94 36.61 20.01
CA LEU B 573 17.37 36.99 20.13
C LEU B 573 18.18 36.36 18.97
N CYS B 574 18.78 37.18 18.15
CA CYS B 574 19.69 36.71 17.12
C CYS B 574 21.11 37.10 17.51
N ILE B 575 21.95 36.10 17.67
CA ILE B 575 23.42 36.25 17.78
C ILE B 575 23.91 35.94 16.37
N MET B 576 24.33 36.94 15.62
CA MET B 576 24.67 36.86 14.18
C MET B 576 26.17 36.74 13.95
N SER B 577 26.55 36.04 12.90
CA SER B 577 27.95 35.98 12.43
C SER B 577 28.09 36.83 11.16
N ASP B 578 27.03 36.92 10.35
CA ASP B 578 27.00 37.63 9.05
C ASP B 578 26.64 39.11 9.25
N ARG B 579 27.58 40.01 8.95
CA ARG B 579 27.38 41.49 8.96
C ARG B 579 26.13 41.82 8.14
N ASP B 580 26.15 41.39 6.88
CA ASP B 580 25.06 41.54 5.88
C ASP B 580 23.71 41.34 6.57
N LEU B 581 23.48 40.16 7.13
CA LEU B 581 22.14 39.78 7.65
C LEU B 581 21.89 40.44 9.00
N TYR B 582 22.94 40.65 9.81
CA TYR B 582 22.82 41.40 11.07
C TYR B 582 22.28 42.79 10.75
N ASP B 583 22.94 43.51 9.83
CA ASP B 583 22.57 44.92 9.51
C ASP B 583 21.11 44.93 9.08
N LYS B 584 20.73 44.05 8.14
CA LYS B 584 19.34 43.98 7.60
C LYS B 584 18.36 43.67 8.74
N LEU B 585 18.75 42.96 9.81
CA LEU B 585 17.79 42.65 10.91
C LEU B 585 17.30 43.99 11.47
N GLN B 586 15.99 44.21 11.56
CA GLN B 586 15.45 45.51 12.04
C GLN B 586 15.12 45.34 13.52
N PHE B 587 16.14 44.99 14.30
CA PHE B 587 15.93 44.66 15.74
C PHE B 587 16.73 45.69 16.52
N THR B 588 16.42 45.77 17.80
CA THR B 588 17.19 46.49 18.82
C THR B 588 18.51 45.76 19.02
N SER B 589 19.60 46.37 18.53
CA SER B 589 20.98 45.87 18.73
C SER B 589 21.28 45.80 20.23
N LEU B 590 21.83 44.69 20.71
CA LEU B 590 22.32 44.55 22.09
C LEU B 590 23.84 44.74 22.12
N GLU B 591 24.37 44.96 23.32
CA GLU B 591 25.78 45.24 23.58
C GLU B 591 26.23 44.21 24.62
N ILE B 592 27.30 43.46 24.29
CA ILE B 592 28.24 42.71 25.20
C ILE B 592 29.27 42.04 24.27
#